data_4KNF
#
_entry.id   4KNF
#
_cell.length_a   161.400
_cell.length_b   168.900
_cell.length_c   65.700
_cell.angle_alpha   90.00
_cell.angle_beta   90.00
_cell.angle_gamma   90.00
#
_symmetry.space_group_name_H-M   'P 21 21 2'
#
loop_
_entity.id
_entity.type
_entity.pdbx_description
1 polymer 'Blue-light absorbing proteorhodopsin'
2 non-polymer RETINAL
3 water water
#
_entity_poly.entity_id   1
_entity_poly.type   'polypeptide(L)'
_entity_poly.pdbx_seq_one_letter_code
;MGKLLLILGSAIALPSFAAAGGDLDISDTVGVSFWLVTAGMLAATVFFFVERDQVSAKWKTSLTVSGLITGIAFWHYLYM
RGVWIDTGDTPTVFRYINWLLTVPLLVVEFYLILAACTSVAASLFKKLLAGSLVMLGAGFAGEAGLAPVLPAFIIGMAGW
LYMIYELYMGEGKAAVSTASPAVNSAYNAMMMIIVVGWAIYPAGYAAGYLMGGEGVYASNLNLIYNLADFVNKILFGLII
WNVAVKESSNAKLLEHHHHHH
;
_entity_poly.pdbx_strand_id   A,B,C,D,E
#
loop_
_chem_comp.id
_chem_comp.type
_chem_comp.name
_chem_comp.formula
RET non-polymer RETINAL 'C20 H28 O'
#
# COMPACT_ATOMS: atom_id res chain seq x y z
N GLY A 22 24.40 13.71 4.62
CA GLY A 22 24.80 14.23 5.96
C GLY A 22 23.78 13.98 7.07
N ASP A 23 24.29 13.79 8.29
CA ASP A 23 23.47 13.51 9.48
C ASP A 23 22.51 14.66 9.74
N LEU A 24 21.43 14.41 10.49
CA LEU A 24 20.54 15.48 10.95
C LEU A 24 21.34 16.51 11.77
N ASP A 25 21.03 17.79 11.61
CA ASP A 25 21.68 18.81 12.42
C ASP A 25 20.96 19.06 13.73
N ILE A 26 21.60 18.62 14.81
CA ILE A 26 21.08 18.70 16.17
C ILE A 26 20.86 20.12 16.74
N SER A 27 21.63 21.09 16.27
CA SER A 27 21.48 22.47 16.74
C SER A 27 20.17 23.10 16.24
N ASP A 28 19.68 22.61 15.10
CA ASP A 28 18.40 23.08 14.56
C ASP A 28 17.21 22.44 15.30
N THR A 29 16.89 22.94 16.48
CA THR A 29 15.92 22.31 17.34
C THR A 29 14.62 22.12 16.61
N VAL A 30 14.11 23.20 16.03
CA VAL A 30 12.92 23.20 15.17
C VAL A 30 12.99 22.13 14.08
N GLY A 31 14.10 22.10 13.37
CA GLY A 31 14.38 21.00 12.48
C GLY A 31 14.15 19.61 13.08
N VAL A 32 14.61 19.38 14.32
CA VAL A 32 14.48 18.06 14.93
C VAL A 32 13.01 17.81 15.29
N SER A 33 12.37 18.85 15.78
CA SER A 33 10.99 18.81 16.17
C SER A 33 10.10 18.37 15.00
N PHE A 34 10.40 18.88 13.80
CA PHE A 34 9.58 18.54 12.62
C PHE A 34 9.78 17.09 12.27
N TRP A 35 11.05 16.69 12.28
CA TRP A 35 11.39 15.30 12.09
C TRP A 35 10.65 14.35 13.06
N LEU A 36 10.61 14.68 14.34
CA LEU A 36 10.02 13.78 15.34
C LEU A 36 8.51 13.65 15.11
N VAL A 37 7.86 14.79 14.96
CA VAL A 37 6.44 14.94 14.72
C VAL A 37 6.02 14.35 13.38
N THR A 38 6.79 14.64 12.33
CA THR A 38 6.52 13.95 11.08
C THR A 38 6.38 12.43 11.34
N ALA A 39 7.42 11.84 11.95
CA ALA A 39 7.45 10.41 12.17
C ALA A 39 6.28 9.94 13.08
N GLY A 40 5.97 10.72 14.10
CA GLY A 40 4.88 10.40 14.96
C GLY A 40 3.58 10.34 14.19
N MET A 41 3.38 11.29 13.25
CA MET A 41 2.18 11.32 12.41
C MET A 41 2.12 10.11 11.48
N LEU A 42 3.24 9.80 10.88
CA LEU A 42 3.36 8.52 10.16
C LEU A 42 2.87 7.30 10.97
N ALA A 43 3.44 7.09 12.15
CA ALA A 43 3.13 5.92 13.00
C ALA A 43 1.67 5.87 13.43
N ALA A 44 1.15 7.03 13.78
CA ALA A 44 -0.19 7.14 14.31
C ALA A 44 -1.23 6.85 13.20
N THR A 45 -0.91 7.29 11.98
CA THR A 45 -1.75 7.01 10.82
C THR A 45 -1.87 5.51 10.70
N VAL A 46 -0.73 4.83 10.59
CA VAL A 46 -0.72 3.36 10.52
C VAL A 46 -1.45 2.71 11.71
N PHE A 47 -1.15 3.19 12.92
CA PHE A 47 -1.77 2.70 14.12
C PHE A 47 -3.31 2.76 14.03
N PHE A 48 -3.88 3.96 13.78
CA PHE A 48 -5.33 4.15 13.72
C PHE A 48 -6.03 3.38 12.60
N PHE A 49 -5.39 3.29 11.42
CA PHE A 49 -5.98 2.42 10.40
C PHE A 49 -5.93 0.93 10.78
N VAL A 50 -4.75 0.41 11.05
CA VAL A 50 -4.62 -1.01 11.39
C VAL A 50 -5.48 -1.43 12.57
N GLU A 51 -5.68 -0.54 13.55
CA GLU A 51 -6.35 -0.92 14.78
C GLU A 51 -7.87 -0.93 14.73
N ARG A 52 -8.41 -0.65 13.55
CA ARG A 52 -9.84 -0.54 13.35
C ARG A 52 -10.53 -1.90 13.60
N ASP A 53 -9.75 -2.98 13.46
CA ASP A 53 -10.29 -4.30 13.58
C ASP A 53 -10.28 -4.74 15.05
N GLN A 54 -9.83 -3.83 15.92
CA GLN A 54 -9.88 -3.98 17.39
C GLN A 54 -11.07 -3.24 18.01
N VAL A 55 -11.90 -2.60 17.18
CA VAL A 55 -13.06 -1.82 17.66
C VAL A 55 -14.33 -2.18 16.87
N SER A 56 -15.48 -2.07 17.51
CA SER A 56 -16.74 -2.47 16.88
C SER A 56 -17.20 -1.40 15.86
N ALA A 57 -18.19 -1.76 15.06
CA ALA A 57 -18.78 -0.86 14.06
C ALA A 57 -19.20 0.43 14.71
N LYS A 58 -19.31 0.41 16.03
CA LYS A 58 -19.68 1.61 16.76
C LYS A 58 -18.58 2.66 16.63
N TRP A 59 -17.33 2.23 16.49
CA TRP A 59 -16.16 3.13 16.62
C TRP A 59 -15.25 3.24 15.39
N LYS A 60 -15.45 2.38 14.40
CA LYS A 60 -14.52 2.26 13.28
C LYS A 60 -14.30 3.59 12.53
N THR A 61 -15.41 4.22 12.14
CA THR A 61 -15.37 5.53 11.45
C THR A 61 -14.53 6.57 12.18
N SER A 62 -14.65 6.60 13.52
CA SER A 62 -13.82 7.47 14.36
C SER A 62 -12.33 7.23 14.12
N LEU A 63 -11.92 5.96 14.12
CA LEU A 63 -10.53 5.60 13.90
C LEU A 63 -10.10 5.95 12.48
N THR A 64 -11.01 5.74 11.52
CA THR A 64 -10.83 6.24 10.16
C THR A 64 -10.55 7.74 10.10
N VAL A 65 -11.42 8.56 10.70
CA VAL A 65 -11.18 10.01 10.72
C VAL A 65 -9.89 10.38 11.46
N SER A 66 -9.64 9.69 12.57
CA SER A 66 -8.38 9.79 13.30
C SER A 66 -7.13 9.52 12.43
N GLY A 67 -7.17 8.48 11.61
CA GLY A 67 -6.09 8.19 10.66
C GLY A 67 -6.01 9.19 9.52
N LEU A 68 -7.15 9.62 8.99
CA LEU A 68 -7.15 10.72 8.02
C LEU A 68 -6.44 12.02 8.50
N ILE A 69 -6.78 12.49 9.71
CA ILE A 69 -6.18 13.67 10.35
C ILE A 69 -4.65 13.51 10.50
N THR A 70 -4.22 12.40 11.11
CA THR A 70 -2.80 12.07 11.16
C THR A 70 -2.15 11.89 9.76
N GLY A 71 -2.86 11.20 8.85
CA GLY A 71 -2.45 11.03 7.44
C GLY A 71 -2.21 12.34 6.68
N ILE A 72 -3.20 13.25 6.68
CA ILE A 72 -3.04 14.54 6.05
C ILE A 72 -1.92 15.36 6.72
N ALA A 73 -1.82 15.26 8.04
CA ALA A 73 -0.84 16.03 8.77
C ALA A 73 0.59 15.58 8.40
N PHE A 74 0.81 14.24 8.32
CA PHE A 74 2.08 13.70 7.79
C PHE A 74 2.62 14.35 6.49
N TRP A 75 1.79 14.33 5.42
CA TRP A 75 2.16 14.98 4.15
C TRP A 75 2.51 16.45 4.32
N HIS A 76 1.67 17.17 5.05
CA HIS A 76 1.99 18.58 5.34
C HIS A 76 3.23 18.80 6.17
N TYR A 77 3.44 17.96 7.20
CA TYR A 77 4.70 18.01 7.93
C TYR A 77 5.95 17.82 7.09
N LEU A 78 5.87 16.92 6.09
CA LEU A 78 6.93 16.75 5.12
C LEU A 78 7.28 18.08 4.43
N TYR A 79 6.27 18.72 3.84
CA TYR A 79 6.45 20.04 3.22
C TYR A 79 6.89 21.12 4.20
N MET A 80 6.17 21.25 5.33
CA MET A 80 6.58 22.20 6.37
C MET A 80 8.05 22.06 6.75
N ARG A 81 8.52 20.81 6.93
CA ARG A 81 9.90 20.59 7.29
C ARG A 81 10.84 20.97 6.14
N GLY A 82 10.44 20.62 4.90
CA GLY A 82 11.19 21.02 3.73
C GLY A 82 11.50 22.51 3.74
N VAL A 83 10.44 23.35 3.67
CA VAL A 83 10.54 24.82 3.80
C VAL A 83 11.53 25.32 4.88
N TRP A 84 11.35 24.89 6.12
CA TRP A 84 12.26 25.30 7.19
C TRP A 84 13.71 24.95 6.88
N ILE A 85 13.95 23.69 6.52
CA ILE A 85 15.30 23.19 6.23
C ILE A 85 15.94 24.00 5.07
N ASP A 86 15.10 24.45 4.13
CA ASP A 86 15.55 25.09 2.90
C ASP A 86 15.63 26.62 2.97
N THR A 87 14.83 27.25 3.82
CA THR A 87 14.75 28.70 3.81
C THR A 87 14.85 29.31 5.20
N GLY A 88 14.52 28.54 6.24
CA GLY A 88 14.49 29.05 7.60
C GLY A 88 13.19 29.79 7.90
N ASP A 89 12.37 29.96 6.87
CA ASP A 89 11.08 30.63 7.03
C ASP A 89 10.05 29.72 7.69
N THR A 90 9.25 30.34 8.55
CA THR A 90 8.17 29.67 9.21
C THR A 90 7.13 29.35 8.12
N PRO A 91 6.75 28.05 7.98
CA PRO A 91 5.93 27.65 6.82
C PRO A 91 4.44 27.83 7.08
N THR A 92 4.07 29.10 7.08
CA THR A 92 2.73 29.53 7.47
C THR A 92 1.62 28.90 6.63
N VAL A 93 1.74 28.99 5.31
CA VAL A 93 0.69 28.58 4.39
C VAL A 93 0.47 27.07 4.49
N PHE A 94 1.56 26.31 4.47
CA PHE A 94 1.48 24.87 4.74
C PHE A 94 0.83 24.51 6.10
N ARG A 95 1.26 25.21 7.16
CA ARG A 95 0.63 25.08 8.47
C ARG A 95 -0.90 25.29 8.46
N TYR A 96 -1.35 26.41 7.90
CA TYR A 96 -2.78 26.72 7.87
C TYR A 96 -3.59 25.94 6.83
N ILE A 97 -2.98 25.61 5.70
CA ILE A 97 -3.58 24.61 4.78
C ILE A 97 -3.89 23.31 5.52
N ASN A 98 -2.88 22.75 6.21
CA ASN A 98 -3.06 21.59 7.05
C ASN A 98 -4.22 21.73 8.04
N TRP A 99 -4.19 22.80 8.86
CA TRP A 99 -5.25 23.04 9.85
C TRP A 99 -6.61 23.19 9.22
N LEU A 100 -6.66 23.86 8.06
CA LEU A 100 -7.88 23.99 7.25
C LEU A 100 -8.45 22.63 6.82
N LEU A 101 -7.57 21.70 6.46
CA LEU A 101 -8.03 20.36 6.10
C LEU A 101 -8.37 19.48 7.31
N THR A 102 -7.63 19.61 8.42
CA THR A 102 -7.84 18.69 9.57
C THR A 102 -8.85 19.11 10.65
N VAL A 103 -8.89 20.40 10.97
CA VAL A 103 -9.81 20.88 12.02
C VAL A 103 -11.26 20.55 11.67
N PRO A 104 -11.65 20.73 10.38
CA PRO A 104 -13.04 20.34 10.07
C PRO A 104 -13.28 18.88 10.36
N LEU A 105 -12.28 18.04 10.10
CA LEU A 105 -12.38 16.59 10.37
C LEU A 105 -12.52 16.31 11.86
N LEU A 106 -11.70 16.97 12.67
CA LEU A 106 -11.85 16.88 14.14
C LEU A 106 -13.24 17.34 14.59
N VAL A 107 -13.76 18.39 13.95
CA VAL A 107 -15.09 18.86 14.25
C VAL A 107 -16.11 17.80 13.83
N VAL A 108 -15.90 17.15 12.69
CA VAL A 108 -16.74 15.97 12.34
C VAL A 108 -16.76 14.91 13.46
N GLU A 109 -15.58 14.58 14.01
CA GLU A 109 -15.49 13.62 15.13
C GLU A 109 -16.29 14.07 16.36
N PHE A 110 -16.19 15.36 16.70
CA PHE A 110 -17.03 15.97 17.74
C PHE A 110 -18.54 15.80 17.47
N TYR A 111 -18.97 16.01 16.22
CA TYR A 111 -20.36 15.80 15.86
C TYR A 111 -20.81 14.35 16.10
N LEU A 112 -19.98 13.39 15.68
CA LEU A 112 -20.26 11.96 15.88
C LEU A 112 -20.49 11.58 17.35
N ILE A 113 -19.59 12.03 18.21
CA ILE A 113 -19.75 11.90 19.67
C ILE A 113 -21.06 12.56 20.16
N LEU A 114 -21.22 13.85 19.86
CA LEU A 114 -22.44 14.60 20.20
C LEU A 114 -23.75 13.98 19.67
N ALA A 115 -23.66 13.23 18.56
CA ALA A 115 -24.82 12.56 17.97
C ALA A 115 -25.42 11.59 18.97
N ALA A 116 -24.56 10.87 19.69
CA ALA A 116 -24.97 9.91 20.73
C ALA A 116 -25.51 10.59 22.01
N CYS A 117 -25.35 11.91 22.12
CA CYS A 117 -25.69 12.64 23.34
C CYS A 117 -26.91 13.55 23.24
N THR A 118 -27.04 14.26 22.13
CA THR A 118 -28.08 15.29 22.02
C THR A 118 -28.78 15.31 20.65
N SER A 119 -30.00 15.86 20.64
CA SER A 119 -30.77 16.03 19.41
C SER A 119 -30.30 17.27 18.66
N VAL A 120 -29.56 18.12 19.36
CA VAL A 120 -29.06 19.38 18.79
C VAL A 120 -27.79 19.19 17.92
N ALA A 121 -27.30 17.95 17.83
CA ALA A 121 -26.02 17.59 17.19
C ALA A 121 -25.70 18.23 15.82
N ALA A 122 -26.70 18.32 14.94
CA ALA A 122 -26.52 18.90 13.59
C ALA A 122 -26.20 20.40 13.57
N SER A 123 -26.93 21.20 14.36
CA SER A 123 -26.70 22.64 14.42
C SER A 123 -25.40 22.98 15.16
N LEU A 124 -25.05 22.15 16.14
CA LEU A 124 -23.80 22.28 16.87
C LEU A 124 -22.62 22.15 15.92
N PHE A 125 -22.68 21.15 15.03
CA PHE A 125 -21.63 20.92 14.04
C PHE A 125 -21.43 22.15 13.16
N LYS A 126 -22.53 22.68 12.64
CA LYS A 126 -22.49 23.91 11.85
C LYS A 126 -21.90 25.07 12.65
N LYS A 127 -22.38 25.26 13.88
CA LYS A 127 -21.86 26.30 14.77
C LYS A 127 -20.34 26.21 15.04
N LEU A 128 -19.88 25.00 15.37
CA LEU A 128 -18.47 24.68 15.55
C LEU A 128 -17.60 24.85 14.30
N LEU A 129 -18.14 24.50 13.14
CA LEU A 129 -17.40 24.71 11.89
C LEU A 129 -17.25 26.20 11.58
N ALA A 130 -18.30 26.96 11.87
CA ALA A 130 -18.29 28.41 11.71
C ALA A 130 -17.26 29.06 12.64
N GLY A 131 -17.32 28.70 13.92
CA GLY A 131 -16.32 29.11 14.90
C GLY A 131 -14.89 28.90 14.45
N SER A 132 -14.58 27.66 14.06
CA SER A 132 -13.19 27.27 13.78
C SER A 132 -12.62 27.93 12.54
N LEU A 133 -13.49 28.22 11.57
CA LEU A 133 -13.10 28.91 10.34
C LEU A 133 -12.79 30.39 10.60
N VAL A 134 -13.62 31.05 11.42
CA VAL A 134 -13.30 32.40 11.89
C VAL A 134 -11.93 32.34 12.59
N MET A 135 -11.83 31.38 13.52
CA MET A 135 -10.63 31.18 14.27
C MET A 135 -9.36 31.07 13.41
N LEU A 136 -9.37 30.10 12.50
CA LEU A 136 -8.26 29.90 11.60
C LEU A 136 -8.01 31.07 10.63
N GLY A 137 -9.09 31.70 10.12
CA GLY A 137 -9.00 32.82 9.18
C GLY A 137 -8.23 33.97 9.82
N ALA A 138 -8.71 34.38 11.00
CA ALA A 138 -8.11 35.45 11.78
C ALA A 138 -6.63 35.18 12.04
N GLY A 139 -6.35 34.02 12.68
CA GLY A 139 -4.99 33.58 12.95
C GLY A 139 -4.10 33.72 11.72
N PHE A 140 -4.58 33.18 10.59
CA PHE A 140 -3.83 33.25 9.34
C PHE A 140 -3.53 34.68 8.86
N ALA A 141 -4.55 35.54 8.87
CA ALA A 141 -4.41 36.95 8.46
C ALA A 141 -3.29 37.63 9.24
N GLY A 142 -3.31 37.42 10.57
CA GLY A 142 -2.25 37.85 11.44
C GLY A 142 -0.87 37.41 10.96
N GLU A 143 -0.67 36.09 10.83
CA GLU A 143 0.64 35.54 10.47
C GLU A 143 1.10 35.88 9.05
N ALA A 144 0.14 36.00 8.13
CA ALA A 144 0.47 36.28 6.74
C ALA A 144 0.63 37.77 6.48
N GLY A 145 0.43 38.59 7.51
CA GLY A 145 0.60 40.03 7.40
C GLY A 145 -0.54 40.76 6.69
N LEU A 146 -1.73 40.17 6.73
CA LEU A 146 -2.90 40.76 6.08
C LEU A 146 -3.74 41.54 7.08
N ALA A 147 -3.28 41.57 8.32
CA ALA A 147 -4.01 42.19 9.43
C ALA A 147 -3.04 42.37 10.58
N PRO A 148 -3.27 43.38 11.46
CA PRO A 148 -2.37 43.54 12.62
C PRO A 148 -2.43 42.29 13.50
N VAL A 149 -1.27 41.87 14.00
CA VAL A 149 -1.13 40.61 14.75
C VAL A 149 -1.99 40.55 16.01
N LEU A 150 -2.20 41.70 16.65
CA LEU A 150 -2.97 41.72 17.89
C LEU A 150 -4.48 41.56 17.64
N PRO A 151 -5.08 42.46 16.83
CA PRO A 151 -6.54 42.33 16.60
C PRO A 151 -6.95 41.00 15.95
N ALA A 152 -6.09 40.48 15.09
CA ALA A 152 -6.38 39.21 14.42
C ALA A 152 -6.53 38.14 15.49
N PHE A 153 -5.48 38.00 16.32
CA PHE A 153 -5.49 37.16 17.52
C PHE A 153 -6.78 37.23 18.34
N ILE A 154 -7.29 38.45 18.56
CA ILE A 154 -8.50 38.61 19.35
C ILE A 154 -9.70 37.97 18.63
N ILE A 155 -9.86 38.27 17.33
CA ILE A 155 -10.93 37.65 16.52
C ILE A 155 -10.75 36.13 16.45
N GLY A 156 -9.52 35.71 16.19
CA GLY A 156 -9.10 34.31 16.36
C GLY A 156 -9.64 33.70 17.63
N MET A 157 -9.32 34.35 18.76
CA MET A 157 -9.76 33.92 20.09
C MET A 157 -11.28 33.87 20.26
N ALA A 158 -11.98 34.87 19.72
CA ALA A 158 -13.43 34.92 19.74
C ALA A 158 -14.08 33.69 19.07
N GLY A 159 -13.60 33.36 17.86
CA GLY A 159 -14.00 32.14 17.17
C GLY A 159 -13.76 30.94 18.06
N TRP A 160 -12.55 30.83 18.58
CA TRP A 160 -12.24 29.74 19.48
C TRP A 160 -13.20 29.73 20.66
N LEU A 161 -13.40 30.91 21.26
CA LEU A 161 -14.18 30.99 22.48
C LEU A 161 -15.68 30.76 22.25
N TYR A 162 -16.17 31.21 21.07
CA TYR A 162 -17.53 30.93 20.65
C TYR A 162 -17.79 29.41 20.54
N MET A 163 -16.81 28.66 20.05
CA MET A 163 -16.91 27.19 20.03
C MET A 163 -17.11 26.66 21.44
N ILE A 164 -16.13 26.94 22.30
CA ILE A 164 -16.20 26.55 23.71
C ILE A 164 -17.57 26.93 24.36
N TYR A 165 -17.99 28.20 24.19
CA TYR A 165 -19.25 28.67 24.72
C TYR A 165 -20.41 27.76 24.32
N GLU A 166 -20.51 27.47 23.02
CA GLU A 166 -21.63 26.71 22.47
C GLU A 166 -21.67 25.27 22.99
N LEU A 167 -20.51 24.70 23.25
CA LEU A 167 -20.45 23.38 23.87
C LEU A 167 -20.85 23.38 25.34
N TYR A 168 -20.45 24.41 26.08
CA TYR A 168 -20.58 24.46 27.54
C TYR A 168 -21.81 25.15 28.08
N MET A 169 -22.28 26.16 27.35
CA MET A 169 -23.33 27.02 27.88
C MET A 169 -24.46 27.18 26.90
N GLY A 170 -24.13 27.16 25.62
CA GLY A 170 -25.10 27.37 24.54
C GLY A 170 -25.94 26.15 24.21
N GLU A 171 -26.08 25.89 22.91
CA GLU A 171 -26.89 24.76 22.45
C GLU A 171 -26.40 23.42 23.01
N GLY A 172 -25.15 23.42 23.48
CA GLY A 172 -24.52 22.23 24.03
C GLY A 172 -24.82 21.91 25.49
N LYS A 173 -25.45 22.82 26.21
CA LYS A 173 -25.89 22.51 27.57
C LYS A 173 -27.07 21.52 27.52
N ALA A 174 -27.34 21.02 26.32
CA ALA A 174 -28.48 20.14 26.04
C ALA A 174 -28.50 18.90 26.94
N ALA A 175 -27.61 17.95 26.68
CA ALA A 175 -27.65 16.70 27.42
C ALA A 175 -26.26 16.09 27.60
N VAL A 176 -25.87 15.89 28.85
CA VAL A 176 -24.67 15.12 29.19
C VAL A 176 -25.04 13.65 28.99
N SER A 177 -26.30 13.36 29.28
CA SER A 177 -26.92 12.04 29.04
C SER A 177 -25.93 10.88 28.90
N THR A 178 -25.57 10.30 30.03
CA THR A 178 -24.69 9.13 30.07
C THR A 178 -25.42 7.92 29.45
N ALA A 179 -25.48 7.90 28.12
CA ALA A 179 -26.06 6.79 27.39
C ALA A 179 -25.18 5.57 27.62
N SER A 180 -23.87 5.76 27.48
CA SER A 180 -22.86 4.72 27.66
C SER A 180 -21.75 5.24 28.58
N PRO A 181 -21.00 4.34 29.24
CA PRO A 181 -19.77 4.76 29.92
C PRO A 181 -18.67 5.14 28.91
N ALA A 182 -18.75 4.56 27.72
CA ALA A 182 -17.85 4.88 26.62
C ALA A 182 -18.19 6.22 25.96
N VAL A 183 -19.45 6.38 25.57
CA VAL A 183 -19.94 7.67 25.06
C VAL A 183 -19.61 8.80 26.06
N ASN A 184 -19.83 8.56 27.36
CA ASN A 184 -19.55 9.55 28.39
C ASN A 184 -18.06 9.88 28.51
N SER A 185 -17.21 8.87 28.35
CA SER A 185 -15.77 9.07 28.33
C SER A 185 -15.31 9.88 27.11
N ALA A 186 -15.85 9.52 25.92
CA ALA A 186 -15.51 10.20 24.68
C ALA A 186 -15.98 11.66 24.69
N TYR A 187 -17.21 11.88 25.16
CA TYR A 187 -17.76 13.23 25.33
C TYR A 187 -16.85 14.15 26.17
N ASN A 188 -16.42 13.63 27.32
CA ASN A 188 -15.56 14.36 28.25
C ASN A 188 -14.16 14.59 27.68
N ALA A 189 -13.68 13.63 26.91
CA ALA A 189 -12.43 13.74 26.16
C ALA A 189 -12.52 14.90 25.15
N MET A 190 -13.65 14.98 24.45
CA MET A 190 -13.90 16.10 23.54
C MET A 190 -13.91 17.43 24.31
N MET A 191 -14.70 17.50 25.39
CA MET A 191 -14.80 18.70 26.25
C MET A 191 -13.46 19.21 26.79
N MET A 192 -12.56 18.31 27.18
CA MET A 192 -11.24 18.73 27.67
C MET A 192 -10.33 19.27 26.57
N ILE A 193 -10.27 18.54 25.47
CA ILE A 193 -9.28 18.80 24.44
C ILE A 193 -9.44 20.19 23.82
N ILE A 194 -10.68 20.59 23.52
CA ILE A 194 -10.97 21.92 22.95
C ILE A 194 -10.39 23.00 23.84
N VAL A 195 -10.46 22.79 25.15
CA VAL A 195 -9.94 23.77 26.08
C VAL A 195 -8.43 23.56 26.25
N VAL A 196 -8.05 22.49 26.93
CA VAL A 196 -6.67 22.37 27.38
C VAL A 196 -5.73 22.05 26.22
N GLY A 197 -6.12 21.09 25.39
CA GLY A 197 -5.33 20.74 24.21
C GLY A 197 -5.23 21.87 23.19
N TRP A 198 -6.37 22.43 22.82
CA TRP A 198 -6.36 23.49 21.79
C TRP A 198 -5.63 24.77 22.21
N ALA A 199 -5.53 25.00 23.51
CA ALA A 199 -5.00 26.24 24.05
C ALA A 199 -3.53 26.44 23.67
N ILE A 200 -2.88 25.35 23.28
CA ILE A 200 -1.46 25.38 22.96
C ILE A 200 -1.24 26.26 21.73
N TYR A 201 -2.21 26.26 20.83
CA TYR A 201 -2.07 26.99 19.57
C TYR A 201 -2.02 28.53 19.80
N PRO A 202 -3.07 29.12 20.39
CA PRO A 202 -2.97 30.56 20.70
C PRO A 202 -1.76 30.90 21.58
N ALA A 203 -1.38 29.99 22.49
CA ALA A 203 -0.16 30.15 23.28
C ALA A 203 1.08 30.25 22.38
N GLY A 204 1.16 29.37 21.38
CA GLY A 204 2.24 29.39 20.39
C GLY A 204 2.28 30.66 19.59
N TYR A 205 1.11 31.11 19.16
CA TYR A 205 0.96 32.35 18.41
C TYR A 205 1.36 33.59 19.21
N ALA A 206 0.94 33.65 20.48
CA ALA A 206 1.41 34.70 21.40
C ALA A 206 2.94 34.71 21.51
N ALA A 207 3.50 33.54 21.83
CA ALA A 207 4.94 33.35 21.93
C ALA A 207 5.73 33.87 20.73
N GLY A 208 5.12 33.76 19.54
CA GLY A 208 5.81 34.03 18.28
C GLY A 208 5.64 35.45 17.80
N TYR A 209 4.45 36.03 18.01
CA TYR A 209 4.17 37.36 17.49
C TYR A 209 3.89 38.47 18.52
N LEU A 210 3.54 38.09 19.74
CA LEU A 210 2.98 39.05 20.70
C LEU A 210 3.88 39.36 21.89
N MET A 211 5.17 39.06 21.79
CA MET A 211 6.06 39.22 22.94
C MET A 211 7.35 40.04 22.73
N GLY A 212 7.72 40.31 21.47
CA GLY A 212 9.05 40.86 21.14
C GLY A 212 9.09 42.13 20.32
N GLY A 213 10.18 42.31 19.58
CA GLY A 213 10.45 43.56 18.85
C GLY A 213 9.68 43.74 17.55
N GLY A 215 10.90 41.83 15.84
CA GLY A 215 11.09 40.54 15.20
C GLY A 215 10.09 39.49 15.61
N VAL A 216 9.94 38.46 14.77
CA VAL A 216 9.03 37.34 15.00
C VAL A 216 9.81 36.18 15.62
N TYR A 217 9.28 35.60 16.69
CA TYR A 217 9.94 34.48 17.37
C TYR A 217 9.60 33.12 16.73
N ALA A 218 10.10 32.92 15.52
CA ALA A 218 9.74 31.75 14.71
C ALA A 218 10.08 30.41 15.38
N SER A 219 11.27 30.29 15.96
CA SER A 219 11.65 29.11 16.71
C SER A 219 10.62 28.63 17.73
N ASN A 220 10.18 29.53 18.60
CA ASN A 220 9.25 29.14 19.65
C ASN A 220 7.93 28.77 19.02
N LEU A 221 7.52 29.58 18.03
CA LEU A 221 6.22 29.45 17.40
C LEU A 221 6.09 28.08 16.76
N ASN A 222 7.09 27.70 15.98
CA ASN A 222 7.05 26.39 15.37
C ASN A 222 7.13 25.21 16.34
N LEU A 223 8.01 25.31 17.36
CA LEU A 223 8.07 24.32 18.45
C LEU A 223 6.72 24.09 19.16
N ILE A 224 5.98 25.18 19.40
CA ILE A 224 4.74 25.09 20.13
C ILE A 224 3.61 24.52 19.25
N TYR A 225 3.58 24.92 17.97
CA TYR A 225 2.62 24.34 17.02
C TYR A 225 2.89 22.85 16.85
N ASN A 226 4.14 22.52 16.57
CA ASN A 226 4.51 21.10 16.54
C ASN A 226 4.01 20.30 17.74
N LEU A 227 4.17 20.84 18.96
CA LEU A 227 3.68 20.19 20.17
C LEU A 227 2.14 20.05 20.17
N ALA A 228 1.50 21.11 19.68
CA ALA A 228 0.05 21.22 19.70
C ALA A 228 -0.61 20.23 18.73
N ASP A 229 -0.06 20.12 17.52
CA ASP A 229 -0.49 19.06 16.56
C ASP A 229 -0.31 17.70 17.19
N PHE A 230 0.87 17.46 17.74
CA PHE A 230 1.12 16.21 18.46
C PHE A 230 0.07 15.89 19.55
N VAL A 231 -0.27 16.86 20.38
CA VAL A 231 -1.17 16.62 21.49
C VAL A 231 -2.58 16.36 20.91
N ASN A 232 -2.99 17.21 19.98
CA ASN A 232 -4.35 17.22 19.53
C ASN A 232 -4.76 16.19 18.49
N LYS A 233 -3.80 15.80 17.66
CA LYS A 233 -4.05 14.78 16.65
C LYS A 233 -3.61 13.39 17.13
N ILE A 234 -2.33 13.24 17.47
CA ILE A 234 -1.83 11.95 17.89
C ILE A 234 -2.44 11.57 19.24
N LEU A 235 -2.20 12.37 20.29
CA LEU A 235 -2.59 11.97 21.65
C LEU A 235 -4.11 11.85 21.83
N PHE A 236 -4.85 12.81 21.30
CA PHE A 236 -6.27 12.78 21.46
C PHE A 236 -6.85 11.60 20.68
N GLY A 237 -6.29 11.32 19.50
CA GLY A 237 -6.64 10.11 18.77
C GLY A 237 -6.47 8.84 19.61
N LEU A 238 -5.31 8.71 20.28
CA LEU A 238 -5.10 7.59 21.22
C LEU A 238 -6.16 7.48 22.34
N ILE A 239 -6.68 8.61 22.80
CA ILE A 239 -7.74 8.62 23.82
C ILE A 239 -9.00 7.97 23.26
N ILE A 240 -9.41 8.36 22.05
CA ILE A 240 -10.54 7.74 21.36
C ILE A 240 -10.29 6.26 21.11
N TRP A 241 -9.10 5.91 20.66
CA TRP A 241 -8.74 4.50 20.52
C TRP A 241 -8.87 3.71 21.82
N ASN A 242 -8.39 4.30 22.93
CA ASN A 242 -8.42 3.64 24.23
C ASN A 242 -9.86 3.36 24.70
N VAL A 243 -10.69 4.39 24.68
CA VAL A 243 -12.07 4.27 25.06
C VAL A 243 -12.76 3.19 24.20
N ALA A 244 -12.48 3.24 22.90
CA ALA A 244 -13.13 2.37 21.91
C ALA A 244 -12.74 0.89 22.01
N VAL A 245 -11.46 0.60 22.26
CA VAL A 245 -11.03 -0.76 22.52
C VAL A 245 -11.69 -1.34 23.79
N LYS A 246 -11.70 -0.58 24.88
CA LYS A 246 -12.33 -0.99 26.14
C LYS A 246 -13.82 -1.30 26.00
N GLU A 247 -14.57 -0.40 25.35
CA GLU A 247 -16.00 -0.62 25.17
C GLU A 247 -16.25 -1.87 24.36
N SER A 248 -15.55 -1.97 23.23
CA SER A 248 -15.74 -3.04 22.28
C SER A 248 -15.41 -4.41 22.87
N SER A 249 -14.35 -4.48 23.66
CA SER A 249 -13.94 -5.75 24.28
C SER A 249 -14.94 -6.18 25.35
N ASN A 250 -15.40 -5.20 26.13
CA ASN A 250 -16.44 -5.41 27.13
C ASN A 250 -17.80 -5.83 26.55
N ALA A 251 -18.23 -5.14 25.50
CA ALA A 251 -19.51 -5.45 24.84
C ALA A 251 -19.55 -6.84 24.18
N LYS A 252 -18.38 -7.37 23.81
CA LYS A 252 -18.27 -8.71 23.23
C LYS A 252 -18.51 -9.86 24.23
N LEU A 253 -18.38 -9.57 25.51
CA LEU A 253 -18.57 -10.58 26.58
C LEU A 253 -19.43 -10.08 27.72
N GLY B 22 25.96 1.30 -9.69
CA GLY B 22 26.90 0.13 -9.69
C GLY B 22 26.70 -0.83 -8.53
N ASP B 23 27.43 -1.94 -8.55
CA ASP B 23 27.33 -3.03 -7.56
C ASP B 23 27.63 -2.51 -6.13
N LEU B 24 27.03 -3.14 -5.12
CA LEU B 24 27.30 -2.82 -3.72
C LEU B 24 28.78 -3.02 -3.42
N ASP B 25 29.41 -2.05 -2.76
CA ASP B 25 30.82 -2.21 -2.46
C ASP B 25 31.08 -3.10 -1.26
N ILE B 26 31.60 -4.31 -1.52
CA ILE B 26 31.81 -5.33 -0.50
C ILE B 26 32.84 -4.95 0.56
N SER B 27 33.85 -4.19 0.17
CA SER B 27 34.91 -3.76 1.08
C SER B 27 34.40 -2.80 2.17
N ASP B 28 33.22 -2.23 1.95
CA ASP B 28 32.57 -1.38 2.94
C ASP B 28 31.65 -2.21 3.84
N THR B 29 32.23 -2.85 4.85
CA THR B 29 31.49 -3.74 5.73
C THR B 29 30.32 -3.05 6.44
N VAL B 30 30.53 -1.80 6.82
CA VAL B 30 29.47 -1.04 7.49
C VAL B 30 28.31 -0.77 6.53
N GLY B 31 28.63 -0.37 5.30
CA GLY B 31 27.60 -0.21 4.24
C GLY B 31 26.71 -1.42 4.04
N VAL B 32 27.31 -2.60 4.13
CA VAL B 32 26.63 -3.86 3.90
C VAL B 32 25.70 -4.21 5.06
N SER B 33 26.24 -4.17 6.27
CA SER B 33 25.50 -4.29 7.50
C SER B 33 24.26 -3.36 7.49
N PHE B 34 24.44 -2.10 7.11
CA PHE B 34 23.31 -1.19 6.95
C PHE B 34 22.26 -1.72 5.98
N TRP B 35 22.71 -2.16 4.79
CA TRP B 35 21.81 -2.72 3.79
C TRP B 35 20.95 -3.87 4.39
N LEU B 36 21.66 -4.83 5.00
CA LEU B 36 21.07 -6.02 5.52
C LEU B 36 20.00 -5.73 6.58
N VAL B 37 20.32 -4.87 7.54
CA VAL B 37 19.35 -4.60 8.60
C VAL B 37 18.21 -3.75 8.04
N THR B 38 18.52 -2.82 7.12
CA THR B 38 17.42 -2.09 6.43
C THR B 38 16.39 -3.09 5.90
N ALA B 39 16.86 -4.18 5.26
CA ALA B 39 16.00 -5.16 4.65
C ALA B 39 15.28 -5.96 5.74
N GLY B 40 16.03 -6.37 6.76
CA GLY B 40 15.47 -7.03 7.91
C GLY B 40 14.32 -6.26 8.50
N MET B 41 14.51 -4.96 8.67
CA MET B 41 13.44 -4.10 9.22
C MET B 41 12.22 -4.06 8.31
N LEU B 42 12.44 -3.83 7.01
CA LEU B 42 11.34 -3.91 6.03
C LEU B 42 10.53 -5.22 6.19
N ALA B 43 11.26 -6.34 6.20
CA ALA B 43 10.70 -7.66 6.22
C ALA B 43 9.89 -7.92 7.49
N ALA B 44 10.51 -7.63 8.64
CA ALA B 44 9.87 -7.75 9.94
C ALA B 44 8.58 -6.91 10.04
N THR B 45 8.66 -5.64 9.65
CA THR B 45 7.46 -4.77 9.60
C THR B 45 6.30 -5.43 8.85
N VAL B 46 6.56 -5.91 7.62
CA VAL B 46 5.53 -6.56 6.85
C VAL B 46 4.96 -7.74 7.66
N PHE B 47 5.89 -8.59 8.15
CA PHE B 47 5.57 -9.83 8.84
C PHE B 47 4.67 -9.60 10.06
N PHE B 48 5.04 -8.62 10.91
CA PHE B 48 4.20 -8.27 12.06
C PHE B 48 2.81 -7.80 11.68
N PHE B 49 2.70 -6.92 10.69
CA PHE B 49 1.37 -6.43 10.28
C PHE B 49 0.48 -7.54 9.71
N VAL B 50 1.02 -8.35 8.81
CA VAL B 50 0.26 -9.38 8.15
C VAL B 50 -0.21 -10.42 9.16
N GLU B 51 0.71 -10.84 10.01
CA GLU B 51 0.44 -11.86 11.01
C GLU B 51 -0.52 -11.49 12.17
N ARG B 52 -1.01 -10.25 12.20
CA ARG B 52 -1.99 -9.86 13.21
C ARG B 52 -3.25 -10.72 13.10
N ASP B 53 -3.47 -11.29 11.93
CA ASP B 53 -4.68 -12.06 11.70
C ASP B 53 -4.59 -13.47 12.30
N GLN B 54 -3.48 -13.77 12.95
CA GLN B 54 -3.35 -15.06 13.61
C GLN B 54 -3.15 -15.00 15.11
N VAL B 55 -3.62 -13.92 15.70
CA VAL B 55 -3.47 -13.66 17.12
C VAL B 55 -4.79 -13.03 17.52
N SER B 56 -5.26 -13.34 18.73
CA SER B 56 -6.55 -12.88 19.22
C SER B 56 -6.52 -11.37 19.44
N ALA B 57 -7.66 -10.80 19.79
CA ALA B 57 -7.72 -9.39 20.18
C ALA B 57 -6.74 -9.04 21.29
N LYS B 58 -6.44 -10.00 22.17
CA LYS B 58 -5.54 -9.77 23.31
C LYS B 58 -4.12 -9.41 22.87
N TRP B 59 -3.75 -9.81 21.66
CA TRP B 59 -2.37 -9.70 21.19
C TRP B 59 -2.16 -8.78 20.01
N LYS B 60 -3.24 -8.51 19.28
CA LYS B 60 -3.15 -7.69 18.07
C LYS B 60 -2.37 -6.37 18.22
N THR B 61 -2.68 -5.61 19.29
CA THR B 61 -2.06 -4.30 19.47
C THR B 61 -0.54 -4.41 19.66
N SER B 62 -0.15 -5.43 20.42
CA SER B 62 1.26 -5.79 20.58
C SER B 62 1.99 -6.02 19.26
N LEU B 63 1.32 -6.70 18.33
CA LEU B 63 1.88 -6.88 17.00
C LEU B 63 1.92 -5.57 16.21
N THR B 64 0.85 -4.77 16.29
CA THR B 64 0.87 -3.43 15.71
C THR B 64 2.10 -2.64 16.22
N VAL B 65 2.33 -2.66 17.53
CA VAL B 65 3.35 -1.83 18.12
C VAL B 65 4.70 -2.34 17.61
N SER B 66 4.88 -3.67 17.61
CA SER B 66 6.08 -4.30 17.04
C SER B 66 6.37 -3.88 15.60
N GLY B 67 5.33 -3.91 14.75
CA GLY B 67 5.44 -3.44 13.36
C GLY B 67 5.82 -1.95 13.25
N LEU B 68 5.28 -1.13 14.16
CA LEU B 68 5.60 0.26 14.20
C LEU B 68 7.09 0.48 14.44
N ILE B 69 7.63 -0.22 15.46
CA ILE B 69 9.05 -0.17 15.80
C ILE B 69 9.98 -0.53 14.63
N THR B 70 9.71 -1.65 13.97
CA THR B 70 10.46 -2.03 12.78
C THR B 70 10.30 -1.00 11.65
N GLY B 71 9.06 -0.52 11.49
CA GLY B 71 8.70 0.48 10.48
C GLY B 71 9.58 1.72 10.57
N ILE B 72 9.63 2.30 11.78
CA ILE B 72 10.27 3.55 12.00
C ILE B 72 11.74 3.27 11.79
N ALA B 73 12.20 2.14 12.29
CA ALA B 73 13.60 1.77 12.20
C ALA B 73 14.03 1.67 10.71
N PHE B 74 13.25 0.95 9.93
CA PHE B 74 13.41 0.97 8.47
C PHE B 74 13.67 2.35 7.83
N TRP B 75 12.79 3.34 8.07
CA TRP B 75 12.99 4.69 7.49
C TRP B 75 14.33 5.27 7.94
N HIS B 76 14.57 5.19 9.25
CA HIS B 76 15.82 5.65 9.82
C HIS B 76 17.06 4.90 9.32
N TYR B 77 16.95 3.59 9.09
CA TYR B 77 18.02 2.87 8.42
C TYR B 77 18.34 3.33 6.98
N LEU B 78 17.33 3.70 6.20
CA LEU B 78 17.56 4.29 4.89
C LEU B 78 18.45 5.54 4.98
N TYR B 79 18.15 6.42 5.92
CA TYR B 79 18.93 7.64 6.09
C TYR B 79 20.31 7.39 6.67
N MET B 80 20.38 6.61 7.76
CA MET B 80 21.66 6.20 8.34
C MET B 80 22.60 5.62 7.30
N ARG B 81 22.09 4.67 6.52
CA ARG B 81 22.87 4.11 5.45
C ARG B 81 23.27 5.22 4.47
N GLY B 82 22.30 6.05 4.07
CA GLY B 82 22.52 7.13 3.13
C GLY B 82 23.71 8.00 3.52
N VAL B 83 23.70 8.49 4.76
CA VAL B 83 24.78 9.28 5.34
C VAL B 83 26.13 8.57 5.24
N TRP B 84 26.17 7.29 5.64
CA TRP B 84 27.41 6.55 5.63
C TRP B 84 28.09 6.53 4.26
N ILE B 85 27.38 6.06 3.24
CA ILE B 85 27.86 6.05 1.87
C ILE B 85 28.26 7.44 1.35
N ASP B 86 27.47 8.45 1.69
CA ASP B 86 27.68 9.79 1.15
C ASP B 86 28.85 10.57 1.79
N THR B 87 29.14 10.33 3.06
CA THR B 87 30.17 11.11 3.77
C THR B 87 31.18 10.27 4.55
N GLY B 88 30.79 9.10 5.02
CA GLY B 88 31.65 8.28 5.87
C GLY B 88 31.48 8.55 7.36
N ASP B 89 30.62 9.53 7.70
CA ASP B 89 30.34 9.87 9.09
C ASP B 89 29.32 8.93 9.73
N THR B 90 29.51 8.69 11.02
CA THR B 90 28.55 7.95 11.83
C THR B 90 27.28 8.80 11.95
N PRO B 91 26.11 8.17 11.71
CA PRO B 91 24.87 8.92 11.71
C PRO B 91 24.31 8.91 13.11
N THR B 92 25.01 9.61 14.00
CA THR B 92 24.69 9.61 15.41
C THR B 92 23.28 10.12 15.71
N VAL B 93 22.91 11.26 15.12
CA VAL B 93 21.63 11.90 15.40
C VAL B 93 20.50 11.03 14.85
N PHE B 94 20.65 10.56 13.61
CA PHE B 94 19.69 9.64 13.02
C PHE B 94 19.50 8.42 13.91
N ARG B 95 20.63 7.81 14.32
CA ARG B 95 20.64 6.70 15.25
C ARG B 95 19.86 7.01 16.54
N TYR B 96 20.24 8.10 17.22
CA TYR B 96 19.61 8.42 18.48
C TYR B 96 18.14 8.81 18.33
N ILE B 97 17.81 9.61 17.31
CA ILE B 97 16.44 9.98 17.01
C ILE B 97 15.58 8.73 16.78
N ASN B 98 16.12 7.79 16.02
CA ASN B 98 15.47 6.49 15.84
C ASN B 98 15.22 5.79 17.18
N TRP B 99 16.25 5.69 18.03
CA TRP B 99 16.05 5.12 19.38
C TRP B 99 15.04 5.91 20.22
N LEU B 100 15.12 7.24 20.13
CA LEU B 100 14.17 8.12 20.83
C LEU B 100 12.71 7.83 20.47
N LEU B 101 12.45 7.48 19.20
CA LEU B 101 11.12 7.19 18.72
C LEU B 101 10.69 5.76 19.07
N THR B 102 11.62 4.83 18.97
CA THR B 102 11.35 3.41 19.11
C THR B 102 11.38 2.87 20.55
N VAL B 103 12.39 3.28 21.33
CA VAL B 103 12.53 2.80 22.71
C VAL B 103 11.27 3.02 23.57
N PRO B 104 10.62 4.21 23.46
CA PRO B 104 9.35 4.41 24.18
C PRO B 104 8.30 3.37 23.79
N LEU B 105 8.25 2.97 22.53
CA LEU B 105 7.25 2.01 22.06
C LEU B 105 7.50 0.61 22.59
N LEU B 106 8.78 0.26 22.76
CA LEU B 106 9.14 -1.00 23.46
C LEU B 106 8.64 -0.99 24.91
N VAL B 107 8.88 0.09 25.64
CA VAL B 107 8.42 0.20 27.02
C VAL B 107 6.87 0.11 27.04
N VAL B 108 6.21 0.81 26.11
CA VAL B 108 4.75 0.70 25.97
C VAL B 108 4.33 -0.77 25.96
N GLU B 109 5.10 -1.62 25.29
CA GLU B 109 4.78 -3.04 25.17
C GLU B 109 4.70 -3.75 26.52
N PHE B 110 5.51 -3.31 27.47
CA PHE B 110 5.36 -3.77 28.85
C PHE B 110 4.05 -3.33 29.48
N TYR B 111 3.71 -2.05 29.37
CA TYR B 111 2.44 -1.58 29.89
C TYR B 111 1.25 -2.35 29.31
N LEU B 112 1.33 -2.73 28.04
CA LEU B 112 0.32 -3.58 27.41
C LEU B 112 0.19 -4.97 28.05
N ILE B 113 1.23 -5.38 28.80
CA ILE B 113 1.25 -6.66 29.47
C ILE B 113 0.32 -6.65 30.69
N VAL B 120 -0.42 -1.68 39.18
CA VAL B 120 0.96 -1.22 39.21
C VAL B 120 1.52 -0.78 37.85
N ALA B 121 0.76 -1.07 36.79
CA ALA B 121 1.21 -0.93 35.40
C ALA B 121 1.66 0.49 34.99
N ALA B 122 0.78 1.46 35.19
CA ALA B 122 1.06 2.85 34.81
C ALA B 122 2.27 3.42 35.55
N SER B 123 2.46 2.98 36.79
CA SER B 123 3.61 3.36 37.58
C SER B 123 4.92 2.84 36.97
N LEU B 124 4.97 1.54 36.67
CA LEU B 124 6.15 0.93 36.05
C LEU B 124 6.55 1.58 34.72
N PHE B 125 5.56 1.76 33.84
CA PHE B 125 5.76 2.43 32.57
C PHE B 125 6.52 3.74 32.75
N LYS B 126 5.99 4.61 33.61
CA LYS B 126 6.60 5.91 33.90
C LYS B 126 8.04 5.79 34.39
N LYS B 127 8.28 4.82 35.26
CA LYS B 127 9.63 4.57 35.76
C LYS B 127 10.57 4.03 34.68
N LEU B 128 10.12 3.04 33.91
CA LEU B 128 10.89 2.52 32.77
C LEU B 128 11.23 3.58 31.71
N LEU B 129 10.22 4.41 31.37
CA LEU B 129 10.38 5.52 30.46
C LEU B 129 11.50 6.47 30.90
N ALA B 130 11.41 6.91 32.16
CA ALA B 130 12.42 7.79 32.74
C ALA B 130 13.82 7.16 32.66
N GLY B 131 13.93 5.89 33.08
CA GLY B 131 15.16 5.12 32.86
C GLY B 131 15.65 5.21 31.43
N SER B 132 14.80 4.80 30.49
CA SER B 132 15.14 4.82 29.06
C SER B 132 15.62 6.19 28.55
N LEU B 133 14.96 7.26 29.02
CA LEU B 133 15.32 8.61 28.60
C LEU B 133 16.67 9.10 29.18
N VAL B 134 16.92 8.83 30.46
CA VAL B 134 18.23 9.04 31.10
C VAL B 134 19.31 8.23 30.37
N MET B 135 18.98 6.97 30.06
CA MET B 135 19.91 6.12 29.32
C MET B 135 20.32 6.71 27.95
N LEU B 136 19.32 6.96 27.09
CA LEU B 136 19.60 7.51 25.77
C LEU B 136 20.23 8.90 25.80
N GLY B 137 19.73 9.76 26.71
CA GLY B 137 20.22 11.12 26.88
C GLY B 137 21.73 11.16 27.15
N ALA B 138 22.16 10.31 28.08
CA ALA B 138 23.58 10.22 28.45
C ALA B 138 24.42 9.66 27.31
N GLY B 139 23.94 8.59 26.71
CA GLY B 139 24.57 8.03 25.51
C GLY B 139 24.82 9.10 24.46
N PHE B 140 23.77 9.86 24.15
CA PHE B 140 23.88 10.88 23.13
C PHE B 140 24.92 11.91 23.53
N ALA B 141 24.75 12.45 24.74
CA ALA B 141 25.72 13.37 25.36
C ALA B 141 27.17 13.00 25.01
N GLY B 142 27.57 11.77 25.33
CA GLY B 142 28.89 11.24 25.01
C GLY B 142 29.25 11.23 23.53
N GLU B 143 28.41 10.59 22.71
CA GLU B 143 28.71 10.47 21.26
C GLU B 143 28.72 11.82 20.54
N ALA B 144 27.82 12.72 20.94
CA ALA B 144 27.71 14.05 20.33
C ALA B 144 28.73 15.06 20.85
N GLY B 145 29.50 14.66 21.87
CA GLY B 145 30.59 15.48 22.42
C GLY B 145 30.17 16.53 23.43
N LEU B 146 29.03 16.32 24.10
CA LEU B 146 28.51 17.27 25.07
C LEU B 146 28.84 16.86 26.50
N ALA B 147 29.61 15.78 26.62
CA ALA B 147 30.07 15.25 27.89
C ALA B 147 31.22 14.31 27.56
N PRO B 148 32.23 14.21 28.44
CA PRO B 148 33.26 13.18 28.23
C PRO B 148 32.60 11.80 28.20
N VAL B 149 33.18 10.88 27.44
CA VAL B 149 32.51 9.61 27.14
C VAL B 149 32.31 8.67 28.32
N LEU B 150 33.26 8.68 29.26
CA LEU B 150 33.22 7.78 30.41
C LEU B 150 32.07 8.10 31.38
N PRO B 151 32.00 9.37 31.85
CA PRO B 151 30.90 9.74 32.76
C PRO B 151 29.54 9.55 32.09
N ALA B 152 29.48 9.91 30.80
CA ALA B 152 28.33 9.66 29.93
C ALA B 152 27.91 8.18 29.95
N PHE B 153 28.91 7.29 29.81
CA PHE B 153 28.70 5.84 29.89
C PHE B 153 28.15 5.36 31.22
N ILE B 154 28.65 5.95 32.32
CA ILE B 154 28.23 5.58 33.66
C ILE B 154 26.77 5.98 33.91
N ILE B 155 26.42 7.23 33.59
CA ILE B 155 25.05 7.68 33.78
C ILE B 155 24.09 6.91 32.85
N GLY B 156 24.57 6.64 31.63
CA GLY B 156 23.83 5.82 30.66
C GLY B 156 23.54 4.43 31.24
N MET B 157 24.60 3.81 31.74
CA MET B 157 24.53 2.53 32.42
C MET B 157 23.60 2.60 33.63
N ALA B 158 23.70 3.68 34.40
CA ALA B 158 22.82 3.86 35.56
C ALA B 158 21.34 3.81 35.16
N GLY B 159 20.98 4.58 34.12
CA GLY B 159 19.61 4.62 33.60
C GLY B 159 19.13 3.25 33.17
N TRP B 160 19.93 2.60 32.32
CA TRP B 160 19.67 1.22 31.92
C TRP B 160 19.51 0.31 33.13
N LEU B 161 20.51 0.33 34.03
CA LEU B 161 20.49 -0.52 35.24
C LEU B 161 19.23 -0.29 36.10
N TYR B 162 18.78 0.96 36.19
CA TYR B 162 17.59 1.33 36.94
C TYR B 162 16.33 0.67 36.38
N MET B 163 16.34 0.43 35.07
CA MET B 163 15.22 -0.23 34.39
C MET B 163 15.11 -1.69 34.80
N ILE B 164 16.24 -2.40 34.78
CA ILE B 164 16.32 -3.79 35.25
C ILE B 164 15.94 -3.92 36.72
N TYR B 165 16.49 -3.03 37.56
CA TYR B 165 16.18 -3.01 39.00
C TYR B 165 14.67 -2.95 39.25
N GLU B 166 13.98 -2.06 38.57
CA GLU B 166 12.54 -1.87 38.78
C GLU B 166 11.70 -3.08 38.44
N LEU B 167 12.29 -4.03 37.72
CA LEU B 167 11.61 -5.29 37.42
C LEU B 167 11.83 -6.39 38.49
N TYR B 168 12.48 -6.03 39.62
CA TYR B 168 12.61 -6.94 40.77
C TYR B 168 12.22 -6.23 42.06
N MET B 169 13.09 -6.18 43.08
CA MET B 169 12.74 -5.44 44.31
C MET B 169 12.53 -3.98 43.91
N GLY B 170 11.28 -3.54 44.06
CA GLY B 170 10.79 -2.30 43.48
C GLY B 170 9.32 -2.52 43.17
N GLU B 171 8.85 -1.98 42.05
CA GLU B 171 7.44 -2.10 41.71
C GLU B 171 7.15 -3.28 40.78
N GLY B 172 8.18 -4.09 40.55
CA GLY B 172 8.09 -5.24 39.65
C GLY B 172 7.70 -6.55 40.31
N LYS B 173 7.64 -6.56 41.64
CA LYS B 173 7.31 -7.79 42.37
C LYS B 173 5.79 -8.05 42.44
N ALA B 174 5.06 -7.51 41.46
CA ALA B 174 3.62 -7.75 41.31
C ALA B 174 3.42 -8.93 40.37
N ALA B 175 3.44 -10.15 40.94
CA ALA B 175 3.37 -11.40 40.17
C ALA B 175 2.13 -11.47 39.30
N VAL B 176 2.27 -10.96 38.07
CA VAL B 176 1.16 -10.85 37.11
C VAL B 176 0.37 -12.17 37.04
N SER B 177 -0.87 -12.13 37.55
CA SER B 177 -1.71 -13.33 37.77
C SER B 177 -1.28 -14.59 37.02
N SER B 180 -2.11 -16.56 34.58
CA SER B 180 -1.88 -16.32 33.14
C SER B 180 -0.47 -16.74 32.73
N PRO B 181 -0.34 -17.99 32.21
CA PRO B 181 0.97 -18.49 31.79
C PRO B 181 1.52 -17.76 30.56
N ALA B 182 0.67 -17.53 29.57
CA ALA B 182 1.04 -16.84 28.33
C ALA B 182 1.55 -15.42 28.61
N VAL B 183 0.88 -14.72 29.53
CA VAL B 183 1.34 -13.43 30.02
C VAL B 183 2.73 -13.55 30.66
N ASN B 184 2.94 -14.64 31.40
CA ASN B 184 4.24 -14.91 32.00
C ASN B 184 5.36 -15.20 31.00
N SER B 185 5.10 -16.07 30.01
CA SER B 185 6.12 -16.33 28.97
C SER B 185 6.53 -15.04 28.22
N ALA B 186 5.52 -14.23 27.90
CA ALA B 186 5.75 -12.91 27.30
C ALA B 186 6.61 -12.06 28.21
N TYR B 187 6.14 -11.84 29.44
CA TYR B 187 6.87 -11.07 30.43
C TYR B 187 8.32 -11.56 30.66
N ASN B 188 8.51 -12.88 30.87
CA ASN B 188 9.84 -13.51 30.98
C ASN B 188 10.77 -13.11 29.83
N ALA B 189 10.23 -13.18 28.62
CA ALA B 189 11.01 -12.94 27.42
C ALA B 189 11.32 -11.45 27.25
N MET B 190 10.38 -10.59 27.69
CA MET B 190 10.64 -9.15 27.73
C MET B 190 11.62 -8.83 28.86
N MET B 191 11.51 -9.57 29.96
CA MET B 191 12.51 -9.56 31.02
C MET B 191 13.89 -9.86 30.49
N MET B 192 14.02 -10.97 29.77
CA MET B 192 15.31 -11.39 29.25
C MET B 192 15.93 -10.45 28.21
N ILE B 193 15.08 -9.87 27.35
CA ILE B 193 15.59 -9.06 26.25
C ILE B 193 16.24 -7.76 26.75
N ILE B 194 15.61 -7.11 27.72
CA ILE B 194 16.11 -5.87 28.32
C ILE B 194 17.42 -6.11 29.10
N VAL B 195 17.67 -7.36 29.48
CA VAL B 195 18.86 -7.70 30.24
C VAL B 195 19.97 -8.08 29.26
N VAL B 196 19.79 -9.20 28.55
CA VAL B 196 20.86 -9.75 27.70
C VAL B 196 20.86 -9.18 26.29
N GLY B 197 19.67 -9.04 25.71
CA GLY B 197 19.53 -8.42 24.39
C GLY B 197 20.06 -7.00 24.39
N TRP B 198 19.56 -6.19 25.33
CA TRP B 198 19.93 -4.79 25.41
C TRP B 198 21.42 -4.48 25.67
N ALA B 199 22.16 -5.45 26.21
CA ALA B 199 23.55 -5.26 26.58
C ALA B 199 24.45 -5.00 25.37
N ILE B 200 23.99 -5.40 24.19
CA ILE B 200 24.77 -5.23 22.95
C ILE B 200 25.05 -3.75 22.65
N TYR B 201 24.16 -2.86 23.09
CA TYR B 201 24.35 -1.43 22.82
C TYR B 201 25.52 -0.79 23.60
N PRO B 202 25.49 -0.87 24.96
CA PRO B 202 26.63 -0.42 25.75
C PRO B 202 27.93 -1.10 25.31
N ALA B 203 27.86 -2.38 24.92
CA ALA B 203 28.99 -3.05 24.29
C ALA B 203 29.45 -2.28 23.07
N GLY B 204 28.47 -1.89 22.24
CA GLY B 204 28.73 -1.04 21.08
C GLY B 204 29.40 0.27 21.43
N TYR B 205 28.83 0.99 22.39
CA TYR B 205 29.41 2.22 22.89
C TYR B 205 30.85 1.99 23.35
N ALA B 206 31.03 0.95 24.16
CA ALA B 206 32.35 0.59 24.69
C ALA B 206 33.38 0.38 23.57
N ALA B 207 33.04 -0.47 22.60
CA ALA B 207 33.92 -0.74 21.46
C ALA B 207 34.38 0.53 20.75
N GLY B 208 33.44 1.44 20.50
CA GLY B 208 33.70 2.66 19.75
C GLY B 208 34.45 3.78 20.48
N TYR B 209 34.16 3.94 21.77
CA TYR B 209 34.67 5.08 22.53
C TYR B 209 35.64 4.75 23.66
N LEU B 210 35.59 3.53 24.17
CA LEU B 210 36.28 3.22 25.40
C LEU B 210 37.41 2.17 25.25
N MET B 211 37.96 2.05 24.03
CA MET B 211 39.13 1.17 23.84
C MET B 211 40.44 1.95 23.58
N GLY B 212 41.46 1.26 23.09
CA GLY B 212 42.78 1.87 22.86
C GLY B 212 42.85 2.82 21.68
N VAL B 216 37.96 7.24 17.68
CA VAL B 216 36.69 6.51 17.62
C VAL B 216 36.79 5.38 16.61
N TYR B 217 36.36 4.19 17.01
CA TYR B 217 36.24 3.08 16.07
C TYR B 217 34.83 3.06 15.50
N ALA B 218 34.57 4.01 14.60
CA ALA B 218 33.25 4.17 13.97
C ALA B 218 32.77 2.87 13.35
N SER B 219 33.68 2.21 12.63
CA SER B 219 33.38 0.94 11.98
C SER B 219 32.84 -0.12 12.97
N ASN B 220 33.58 -0.41 14.03
CA ASN B 220 33.13 -1.41 15.01
C ASN B 220 31.86 -0.97 15.75
N LEU B 221 31.78 0.33 16.03
CA LEU B 221 30.62 0.94 16.68
C LEU B 221 29.33 0.71 15.87
N ASN B 222 29.35 1.06 14.59
CA ASN B 222 28.18 0.87 13.77
C ASN B 222 27.80 -0.60 13.52
N LEU B 223 28.80 -1.50 13.50
CA LEU B 223 28.55 -2.93 13.35
C LEU B 223 27.80 -3.54 14.53
N ILE B 224 28.14 -3.08 15.74
CA ILE B 224 27.49 -3.59 16.95
C ILE B 224 26.09 -2.97 17.10
N TYR B 225 25.97 -1.67 16.87
CA TYR B 225 24.66 -1.01 16.83
C TYR B 225 23.69 -1.67 15.87
N ASN B 226 24.18 -1.92 14.65
CA ASN B 226 23.36 -2.58 13.65
C ASN B 226 22.86 -3.92 14.17
N LEU B 227 23.79 -4.72 14.71
CA LEU B 227 23.48 -6.06 15.19
C LEU B 227 22.51 -5.97 16.36
N ALA B 228 22.73 -4.99 17.23
CA ALA B 228 21.87 -4.83 18.37
C ALA B 228 20.42 -4.50 17.94
N ASP B 229 20.26 -3.52 17.06
CA ASP B 229 18.95 -3.17 16.48
C ASP B 229 18.28 -4.37 15.79
N PHE B 230 19.06 -5.09 14.97
CA PHE B 230 18.58 -6.31 14.37
C PHE B 230 18.02 -7.28 15.42
N VAL B 231 18.86 -7.68 16.39
CA VAL B 231 18.46 -8.66 17.41
C VAL B 231 17.26 -8.17 18.20
N ASN B 232 17.38 -6.96 18.74
CA ASN B 232 16.40 -6.45 19.66
C ASN B 232 15.05 -6.09 19.09
N LYS B 233 15.01 -5.54 17.89
CA LYS B 233 13.73 -5.13 17.34
C LYS B 233 13.06 -6.27 16.60
N ILE B 234 13.85 -7.08 15.91
CA ILE B 234 13.29 -8.20 15.18
C ILE B 234 12.97 -9.37 16.11
N LEU B 235 13.99 -9.88 16.81
CA LEU B 235 13.79 -11.09 17.63
C LEU B 235 12.78 -10.87 18.74
N PHE B 236 12.81 -9.71 19.38
CA PHE B 236 11.82 -9.42 20.40
C PHE B 236 10.39 -9.45 19.87
N GLY B 237 10.13 -8.80 18.73
CA GLY B 237 8.83 -8.87 18.10
C GLY B 237 8.48 -10.30 17.68
N LEU B 238 9.48 -11.04 17.20
CA LEU B 238 9.31 -12.48 16.94
C LEU B 238 8.88 -13.28 18.19
N ILE B 239 9.47 -12.97 19.33
CA ILE B 239 9.03 -13.58 20.60
C ILE B 239 7.54 -13.35 20.88
N ILE B 240 7.12 -12.08 20.96
CA ILE B 240 5.71 -11.70 21.17
C ILE B 240 4.78 -12.40 20.16
N TRP B 241 5.16 -12.36 18.88
CA TRP B 241 4.45 -13.10 17.85
C TRP B 241 4.28 -14.57 18.20
N ASN B 242 5.39 -15.21 18.60
CA ASN B 242 5.35 -16.63 18.92
C ASN B 242 4.42 -16.98 20.11
N VAL B 243 4.51 -16.22 21.18
CA VAL B 243 3.67 -16.43 22.34
C VAL B 243 2.22 -16.26 21.89
N ALA B 244 1.94 -15.12 21.25
CA ALA B 244 0.59 -14.73 20.77
C ALA B 244 -0.09 -15.75 19.86
N VAL B 245 0.67 -16.29 18.90
CA VAL B 245 0.15 -17.32 18.01
C VAL B 245 -0.21 -18.58 18.82
N LYS B 246 0.70 -18.99 19.71
CA LYS B 246 0.49 -20.17 20.52
C LYS B 246 -0.69 -20.03 21.48
N GLU B 247 -0.74 -18.92 22.22
CA GLU B 247 -1.86 -18.63 23.10
C GLU B 247 -3.17 -18.62 22.32
N SER B 248 -3.20 -17.92 21.19
CA SER B 248 -4.43 -17.81 20.41
C SER B 248 -4.94 -19.15 19.87
N SER B 249 -4.03 -20.02 19.40
CA SER B 249 -4.42 -21.31 18.84
C SER B 249 -5.04 -22.22 19.92
N ASN B 250 -4.38 -22.27 21.08
CA ASN B 250 -4.89 -22.94 22.27
C ASN B 250 -6.26 -22.46 22.72
N ALA B 251 -6.48 -21.14 22.65
CA ALA B 251 -7.73 -20.57 23.10
C ALA B 251 -8.87 -20.84 22.11
N LYS B 252 -8.57 -20.87 20.81
CA LYS B 252 -9.55 -21.30 19.82
C LYS B 252 -9.78 -22.84 19.89
N LEU B 253 -8.75 -23.58 20.30
CA LEU B 253 -8.87 -25.04 20.51
C LEU B 253 -9.80 -25.41 21.68
N LEU B 254 -9.74 -24.66 22.78
CA LEU B 254 -10.65 -24.84 23.91
C LEU B 254 -12.10 -24.41 23.59
N GLU B 255 -12.30 -23.78 22.44
CA GLU B 255 -13.63 -23.36 21.98
C GLU B 255 -14.37 -24.52 21.29
N HIS B 256 -14.39 -25.67 21.95
CA HIS B 256 -15.00 -26.90 21.45
C HIS B 256 -15.71 -27.67 22.58
N GLY C 22 13.21 4.79 -24.11
CA GLY C 22 14.08 3.67 -24.59
C GLY C 22 13.47 2.29 -24.38
N ASP C 23 12.99 1.69 -25.47
CA ASP C 23 12.43 0.32 -25.46
C ASP C 23 13.47 -0.67 -24.95
N LEU C 24 13.01 -1.81 -24.43
CA LEU C 24 13.93 -2.87 -24.01
C LEU C 24 14.81 -3.29 -25.19
N ASP C 25 16.09 -3.51 -24.91
CA ASP C 25 17.01 -4.00 -25.92
C ASP C 25 16.99 -5.52 -25.90
N ILE C 26 16.36 -6.12 -26.91
CA ILE C 26 16.10 -7.55 -26.92
C ILE C 26 17.40 -8.35 -27.12
N SER C 27 18.44 -7.67 -27.62
CA SER C 27 19.76 -8.27 -27.72
C SER C 27 20.36 -8.49 -26.34
N ASP C 28 20.14 -7.53 -25.44
CA ASP C 28 20.54 -7.66 -24.02
C ASP C 28 19.68 -8.71 -23.28
N THR C 29 19.86 -9.98 -23.63
CA THR C 29 18.96 -11.04 -23.17
C THR C 29 19.05 -11.33 -21.67
N VAL C 30 20.21 -11.03 -21.08
CA VAL C 30 20.38 -11.04 -19.61
C VAL C 30 19.55 -9.88 -19.06
N GLY C 31 19.65 -8.73 -19.73
CA GLY C 31 18.77 -7.58 -19.50
C GLY C 31 17.30 -7.99 -19.43
N VAL C 32 16.85 -8.80 -20.38
CA VAL C 32 15.45 -9.12 -20.47
C VAL C 32 15.08 -10.11 -19.36
N SER C 33 16.00 -11.04 -19.08
CA SER C 33 15.81 -12.05 -18.06
C SER C 33 15.59 -11.37 -16.72
N PHE C 34 16.48 -10.44 -16.39
CA PHE C 34 16.31 -9.65 -15.17
C PHE C 34 14.94 -9.00 -15.12
N TRP C 35 14.51 -8.43 -16.25
CA TRP C 35 13.25 -7.72 -16.30
C TRP C 35 12.10 -8.68 -15.96
N LEU C 36 12.02 -9.77 -16.72
CA LEU C 36 11.02 -10.82 -16.55
C LEU C 36 10.91 -11.30 -15.11
N VAL C 37 12.05 -11.66 -14.52
CA VAL C 37 12.07 -12.24 -13.17
C VAL C 37 11.62 -11.24 -12.09
N THR C 38 12.07 -10.00 -12.24
CA THR C 38 11.57 -8.89 -11.40
C THR C 38 10.06 -8.77 -11.35
N ALA C 39 9.42 -8.82 -12.52
CA ALA C 39 7.97 -8.82 -12.62
C ALA C 39 7.39 -10.08 -11.97
N GLY C 40 8.04 -11.23 -12.21
CA GLY C 40 7.64 -12.49 -11.60
C GLY C 40 7.74 -12.40 -10.10
N MET C 41 8.78 -11.74 -9.60
CA MET C 41 8.88 -11.65 -8.15
C MET C 41 7.77 -10.77 -7.60
N LEU C 42 7.57 -9.60 -8.24
CA LEU C 42 6.58 -8.64 -7.76
C LEU C 42 5.19 -9.28 -7.72
N ALA C 43 4.82 -9.95 -8.81
CA ALA C 43 3.53 -10.63 -8.92
C ALA C 43 3.38 -11.71 -7.86
N ALA C 44 4.38 -12.61 -7.76
CA ALA C 44 4.32 -13.71 -6.82
C ALA C 44 4.10 -13.15 -5.40
N THR C 45 4.90 -12.16 -5.07
CA THR C 45 4.74 -11.45 -3.79
C THR C 45 3.31 -10.99 -3.46
N VAL C 46 2.62 -10.38 -4.43
CA VAL C 46 1.27 -9.90 -4.24
C VAL C 46 0.36 -11.13 -4.05
N PHE C 47 0.58 -12.13 -4.90
CA PHE C 47 -0.17 -13.36 -4.92
C PHE C 47 -0.07 -14.12 -3.59
N PHE C 48 1.16 -14.26 -3.06
CA PHE C 48 1.29 -14.95 -1.76
C PHE C 48 0.60 -14.21 -0.63
N PHE C 49 0.82 -12.88 -0.57
CA PHE C 49 0.15 -12.12 0.48
C PHE C 49 -1.38 -12.12 0.38
N VAL C 50 -1.93 -11.92 -0.82
CA VAL C 50 -3.37 -11.81 -0.95
C VAL C 50 -4.05 -13.16 -0.70
N GLU C 51 -3.46 -14.23 -1.21
CA GLU C 51 -4.05 -15.55 -1.05
C GLU C 51 -3.93 -16.16 0.35
N ARG C 52 -3.37 -15.41 1.30
CA ARG C 52 -3.33 -15.89 2.68
C ARG C 52 -4.72 -16.22 3.20
N ASP C 53 -5.73 -15.62 2.60
CA ASP C 53 -7.04 -15.76 3.12
C ASP C 53 -7.71 -17.00 2.53
N GLN C 54 -7.04 -17.63 1.56
CA GLN C 54 -7.49 -18.88 0.94
C GLN C 54 -6.91 -20.10 1.63
N VAL C 55 -6.30 -19.91 2.81
CA VAL C 55 -5.65 -20.98 3.56
C VAL C 55 -5.92 -20.70 5.03
N SER C 56 -5.81 -21.73 5.87
CA SER C 56 -6.15 -21.64 7.29
C SER C 56 -4.91 -21.34 8.12
N ALA C 57 -5.11 -21.04 9.41
CA ALA C 57 -4.03 -20.71 10.34
C ALA C 57 -2.84 -21.65 10.32
N LYS C 58 -3.04 -22.92 9.99
CA LYS C 58 -1.91 -23.83 9.84
C LYS C 58 -0.98 -23.37 8.71
N TRP C 59 -1.56 -22.75 7.68
CA TRP C 59 -0.84 -22.40 6.45
C TRP C 59 -0.43 -20.92 6.26
N LYS C 60 -1.10 -19.99 6.95
CA LYS C 60 -0.88 -18.56 6.71
C LYS C 60 0.58 -18.07 6.80
N THR C 61 1.29 -18.54 7.82
CA THR C 61 2.66 -18.11 8.09
C THR C 61 3.62 -18.55 6.99
N SER C 62 3.30 -19.67 6.36
CA SER C 62 4.04 -20.18 5.23
C SER C 62 3.90 -19.24 4.07
N LEU C 63 2.67 -18.78 3.83
CA LEU C 63 2.45 -17.83 2.75
C LEU C 63 3.12 -16.48 3.02
N THR C 64 3.13 -16.04 4.29
CA THR C 64 3.80 -14.82 4.64
C THR C 64 5.28 -14.91 4.25
N VAL C 65 5.92 -16.02 4.65
CA VAL C 65 7.35 -16.25 4.46
C VAL C 65 7.68 -16.33 2.96
N SER C 66 6.82 -17.03 2.22
CA SER C 66 6.95 -17.11 0.76
C SER C 66 6.95 -15.72 0.13
N GLY C 67 5.95 -14.90 0.50
CA GLY C 67 5.80 -13.53 -0.01
C GLY C 67 6.97 -12.67 0.39
N LEU C 68 7.48 -12.93 1.59
CA LEU C 68 8.55 -12.18 2.17
C LEU C 68 9.86 -12.46 1.37
N ILE C 69 10.09 -13.75 1.06
CA ILE C 69 11.17 -14.24 0.18
C ILE C 69 11.11 -13.64 -1.22
N THR C 70 9.94 -13.75 -1.87
CA THR C 70 9.76 -13.08 -3.18
C THR C 70 9.92 -11.55 -3.09
N GLY C 71 9.45 -10.94 -1.99
CA GLY C 71 9.50 -9.49 -1.75
C GLY C 71 10.91 -8.95 -1.73
N ILE C 72 11.75 -9.60 -0.95
CA ILE C 72 13.12 -9.20 -0.84
C ILE C 72 13.85 -9.42 -2.16
N ALA C 73 13.54 -10.51 -2.85
CA ALA C 73 14.14 -10.74 -4.16
C ALA C 73 13.74 -9.63 -5.11
N PHE C 74 12.46 -9.29 -5.13
CA PHE C 74 12.03 -8.12 -5.92
C PHE C 74 12.95 -6.87 -5.85
N TRP C 75 13.28 -6.41 -4.62
CA TRP C 75 13.98 -5.17 -4.45
C TRP C 75 15.40 -5.36 -4.95
N HIS C 76 15.99 -6.48 -4.55
CA HIS C 76 17.30 -6.86 -5.01
C HIS C 76 17.37 -7.08 -6.50
N TYR C 77 16.29 -7.57 -7.09
CA TYR C 77 16.24 -7.63 -8.56
C TYR C 77 16.26 -6.28 -9.25
N LEU C 78 15.62 -5.26 -8.66
CA LEU C 78 15.64 -3.93 -9.25
C LEU C 78 17.11 -3.42 -9.33
N TYR C 79 17.82 -3.54 -8.23
CA TYR C 79 19.23 -3.21 -8.15
C TYR C 79 20.15 -4.07 -9.01
N MET C 80 19.86 -5.37 -9.08
CA MET C 80 20.70 -6.25 -9.88
C MET C 80 20.61 -5.79 -11.32
N ARG C 81 19.39 -5.56 -11.80
CA ARG C 81 19.18 -5.12 -13.18
C ARG C 81 19.81 -3.75 -13.43
N GLY C 82 19.65 -2.85 -12.46
CA GLY C 82 20.30 -1.56 -12.51
C GLY C 82 21.76 -1.71 -12.90
N VAL C 83 22.52 -2.49 -12.10
CA VAL C 83 23.95 -2.56 -12.32
C VAL C 83 24.34 -3.26 -13.61
N TRP C 84 23.66 -4.35 -13.94
CA TRP C 84 23.89 -4.97 -15.23
C TRP C 84 23.82 -3.95 -16.37
N ILE C 85 22.73 -3.17 -16.40
CA ILE C 85 22.50 -2.27 -17.53
C ILE C 85 23.43 -1.04 -17.57
N ASP C 86 23.78 -0.52 -16.39
CA ASP C 86 24.69 0.62 -16.28
C ASP C 86 26.17 0.28 -16.45
N THR C 87 26.54 -0.98 -16.30
CA THR C 87 27.96 -1.37 -16.29
C THR C 87 28.23 -2.65 -17.07
N GLY C 88 27.22 -3.51 -17.16
CA GLY C 88 27.37 -4.79 -17.84
C GLY C 88 28.14 -5.81 -17.02
N ASP C 89 28.43 -5.47 -15.77
CA ASP C 89 29.11 -6.39 -14.85
C ASP C 89 28.11 -7.25 -14.09
N THR C 90 28.47 -8.51 -13.87
CA THR C 90 27.63 -9.40 -13.06
C THR C 90 27.48 -8.82 -11.64
N PRO C 91 26.25 -8.79 -11.10
CA PRO C 91 25.97 -8.09 -9.85
C PRO C 91 26.12 -8.96 -8.61
N THR C 92 27.28 -9.61 -8.54
CA THR C 92 27.60 -10.58 -7.50
C THR C 92 27.22 -10.16 -6.10
N VAL C 93 27.58 -8.94 -5.72
CA VAL C 93 27.36 -8.55 -4.33
C VAL C 93 25.86 -8.46 -4.00
N PHE C 94 25.08 -7.90 -4.92
CA PHE C 94 23.66 -7.84 -4.73
C PHE C 94 23.05 -9.25 -4.73
N ARG C 95 23.50 -10.08 -5.65
CA ARG C 95 23.07 -11.49 -5.80
C ARG C 95 23.21 -12.24 -4.48
N TYR C 96 24.36 -12.08 -3.85
CA TYR C 96 24.63 -12.82 -2.63
C TYR C 96 23.97 -12.21 -1.43
N ILE C 97 23.73 -10.90 -1.47
CA ILE C 97 23.05 -10.24 -0.35
C ILE C 97 21.60 -10.73 -0.31
N ASN C 98 21.03 -10.90 -1.49
CA ASN C 98 19.69 -11.38 -1.62
C ASN C 98 19.57 -12.83 -1.13
N TRP C 99 20.52 -13.69 -1.54
CA TRP C 99 20.58 -15.08 -1.05
C TRP C 99 20.80 -15.17 0.45
N LEU C 100 21.72 -14.37 0.95
CA LEU C 100 21.93 -14.22 2.41
C LEU C 100 20.65 -13.89 3.17
N LEU C 101 19.80 -13.05 2.60
CA LEU C 101 18.58 -12.65 3.28
C LEU C 101 17.50 -13.73 3.11
N THR C 102 17.39 -14.32 1.92
CA THR C 102 16.27 -15.22 1.60
C THR C 102 16.51 -16.71 1.89
N VAL C 103 17.76 -17.16 1.74
CA VAL C 103 18.07 -18.57 2.02
C VAL C 103 17.65 -19.00 3.44
N PRO C 104 17.98 -18.20 4.49
CA PRO C 104 17.55 -18.54 5.85
C PRO C 104 16.04 -18.66 6.00
N LEU C 105 15.29 -17.86 5.24
CA LEU C 105 13.83 -17.92 5.31
C LEU C 105 13.30 -19.18 4.64
N LEU C 106 13.88 -19.57 3.51
CA LEU C 106 13.57 -20.88 2.93
C LEU C 106 13.88 -21.97 3.97
N VAL C 107 15.03 -21.85 4.63
CA VAL C 107 15.37 -22.80 5.69
C VAL C 107 14.29 -22.80 6.78
N VAL C 108 13.70 -21.64 7.04
CA VAL C 108 12.60 -21.53 8.01
C VAL C 108 11.33 -22.22 7.49
N GLU C 109 11.05 -22.10 6.19
CA GLU C 109 9.98 -22.91 5.61
C GLU C 109 10.29 -24.39 5.80
N PHE C 110 11.51 -24.81 5.46
CA PHE C 110 11.96 -26.19 5.70
C PHE C 110 11.69 -26.62 7.13
N TYR C 111 12.08 -25.78 8.07
CA TYR C 111 11.90 -26.10 9.48
C TYR C 111 10.41 -26.25 9.78
N LEU C 112 9.60 -25.31 9.30
CA LEU C 112 8.16 -25.32 9.53
C LEU C 112 7.53 -26.64 9.09
N ILE C 113 7.97 -27.15 7.94
CA ILE C 113 7.52 -28.46 7.44
C ILE C 113 8.01 -29.60 8.34
N LEU C 114 9.30 -29.61 8.66
CA LEU C 114 9.89 -30.64 9.53
C LEU C 114 9.18 -30.78 10.90
N ALA C 115 8.83 -29.64 11.51
CA ALA C 115 8.18 -29.61 12.83
C ALA C 115 6.82 -30.30 12.86
N ALA C 116 6.21 -30.49 11.69
CA ALA C 116 4.94 -31.17 11.58
C ALA C 116 5.08 -32.68 11.55
N CYS C 117 6.25 -33.18 11.12
CA CYS C 117 6.42 -34.62 10.87
C CYS C 117 7.68 -35.26 11.46
N THR C 118 8.45 -34.48 12.23
CA THR C 118 9.70 -34.97 12.80
C THR C 118 9.97 -34.35 14.15
N SER C 119 10.56 -35.15 15.02
CA SER C 119 10.92 -34.74 16.38
C SER C 119 12.11 -33.78 16.40
N VAL C 120 12.94 -33.83 15.37
CA VAL C 120 14.26 -33.19 15.42
C VAL C 120 14.34 -31.85 14.70
N ALA C 121 13.18 -31.25 14.44
CA ALA C 121 13.04 -30.05 13.58
C ALA C 121 13.92 -28.84 13.94
N ALA C 122 14.00 -28.50 15.22
CA ALA C 122 14.79 -27.35 15.70
C ALA C 122 16.30 -27.59 15.70
N SER C 123 16.71 -28.86 15.75
CA SER C 123 18.12 -29.18 15.68
C SER C 123 18.58 -29.17 14.21
N LEU C 124 17.77 -29.81 13.35
CA LEU C 124 17.96 -29.75 11.91
C LEU C 124 18.13 -28.31 11.39
N PHE C 125 17.23 -27.41 11.83
CA PHE C 125 17.26 -26.00 11.46
C PHE C 125 18.63 -25.39 11.73
N LYS C 126 19.23 -25.75 12.87
CA LYS C 126 20.56 -25.26 13.21
C LYS C 126 21.58 -25.71 12.17
N LYS C 127 21.51 -26.98 11.79
CA LYS C 127 22.51 -27.56 10.88
C LYS C 127 22.29 -27.11 9.43
N LEU C 128 21.03 -27.11 9.00
CA LEU C 128 20.67 -26.58 7.68
C LEU C 128 21.13 -25.14 7.50
N LEU C 129 20.95 -24.31 8.52
CA LEU C 129 21.42 -22.93 8.47
C LEU C 129 22.93 -22.91 8.29
N ALA C 130 23.62 -23.65 9.16
CA ALA C 130 25.08 -23.83 9.12
C ALA C 130 25.56 -24.27 7.73
N GLY C 131 24.90 -25.28 7.17
CA GLY C 131 25.16 -25.68 5.77
C GLY C 131 25.12 -24.48 4.84
N SER C 132 23.97 -23.81 4.83
CA SER C 132 23.69 -22.73 3.89
C SER C 132 24.70 -21.56 3.97
N LEU C 133 25.14 -21.22 5.17
CA LEU C 133 26.08 -20.13 5.31
C LEU C 133 27.42 -20.49 4.66
N VAL C 134 28.00 -21.64 5.02
CA VAL C 134 29.18 -22.17 4.34
C VAL C 134 28.97 -22.25 2.82
N MET C 135 27.88 -22.90 2.41
CA MET C 135 27.57 -22.93 0.97
C MET C 135 27.70 -21.56 0.30
N LEU C 136 27.06 -20.55 0.91
CA LEU C 136 27.00 -19.21 0.35
C LEU C 136 28.32 -18.44 0.46
N GLY C 137 29.00 -18.58 1.60
CA GLY C 137 30.28 -17.94 1.82
C GLY C 137 31.33 -18.45 0.84
N ALA C 138 31.34 -19.77 0.61
CA ALA C 138 32.26 -20.37 -0.33
C ALA C 138 31.95 -19.88 -1.74
N GLY C 139 30.70 -19.99 -2.16
CA GLY C 139 30.27 -19.43 -3.44
C GLY C 139 30.78 -18.01 -3.64
N PHE C 140 30.43 -17.11 -2.73
CA PHE C 140 30.84 -15.71 -2.79
C PHE C 140 32.36 -15.49 -2.90
N ALA C 141 33.13 -16.29 -2.15
CA ALA C 141 34.58 -16.23 -2.21
C ALA C 141 35.09 -16.48 -3.65
N GLY C 142 34.59 -17.56 -4.26
CA GLY C 142 34.84 -17.83 -5.67
C GLY C 142 34.61 -16.61 -6.56
N GLU C 143 33.37 -16.12 -6.59
CA GLU C 143 32.99 -15.01 -7.48
C GLU C 143 33.64 -13.68 -7.10
N ALA C 144 33.86 -13.45 -5.81
CA ALA C 144 34.53 -12.22 -5.36
C ALA C 144 36.03 -12.18 -5.68
N GLY C 145 36.59 -13.32 -6.13
CA GLY C 145 38.04 -13.47 -6.30
C GLY C 145 38.82 -13.44 -4.98
N LEU C 146 38.18 -13.87 -3.91
CA LEU C 146 38.81 -14.01 -2.59
C LEU C 146 39.32 -15.43 -2.38
N ALA C 147 39.22 -16.26 -3.43
CA ALA C 147 39.60 -17.67 -3.38
C ALA C 147 39.52 -18.20 -4.80
N PRO C 148 40.33 -19.22 -5.12
CA PRO C 148 40.27 -19.74 -6.49
C PRO C 148 38.93 -20.42 -6.76
N VAL C 149 38.43 -20.26 -7.99
CA VAL C 149 37.09 -20.70 -8.36
C VAL C 149 36.74 -22.13 -7.95
N LEU C 150 37.51 -23.11 -8.43
CA LEU C 150 37.19 -24.53 -8.23
C LEU C 150 37.23 -25.01 -6.75
N PRO C 151 38.32 -24.71 -6.03
CA PRO C 151 38.27 -24.97 -4.59
C PRO C 151 37.01 -24.43 -3.91
N ALA C 152 36.69 -23.16 -4.18
CA ALA C 152 35.53 -22.49 -3.60
C ALA C 152 34.21 -23.20 -3.97
N PHE C 153 34.07 -23.54 -5.24
CA PHE C 153 32.98 -24.37 -5.71
C PHE C 153 32.85 -25.67 -4.89
N ILE C 154 33.97 -26.35 -4.66
CA ILE C 154 33.99 -27.62 -3.92
C ILE C 154 33.46 -27.43 -2.48
N ILE C 155 34.03 -26.48 -1.75
CA ILE C 155 33.51 -26.15 -0.39
C ILE C 155 32.01 -25.79 -0.40
N GLY C 156 31.58 -24.98 -1.38
CA GLY C 156 30.16 -24.62 -1.57
C GLY C 156 29.26 -25.85 -1.69
N MET C 157 29.64 -26.72 -2.63
CA MET C 157 29.03 -28.02 -2.81
C MET C 157 28.98 -28.83 -1.51
N ALA C 158 30.07 -28.80 -0.75
CA ALA C 158 30.07 -29.46 0.56
C ALA C 158 28.93 -28.94 1.40
N GLY C 159 28.87 -27.60 1.55
CA GLY C 159 27.81 -26.92 2.29
C GLY C 159 26.43 -27.44 1.87
N TRP C 160 26.12 -27.30 0.57
CA TRP C 160 24.84 -27.77 0.05
C TRP C 160 24.56 -29.24 0.34
N LEU C 161 25.55 -30.10 0.05
CA LEU C 161 25.42 -31.54 0.23
C LEU C 161 25.30 -31.95 1.70
N TYR C 162 26.07 -31.30 2.56
CA TYR C 162 25.89 -31.46 4.00
C TYR C 162 24.42 -31.30 4.44
N MET C 163 23.73 -30.31 3.87
CA MET C 163 22.32 -30.07 4.17
C MET C 163 21.48 -31.26 3.74
N ILE C 164 21.69 -31.70 2.50
CA ILE C 164 20.98 -32.86 1.97
C ILE C 164 21.26 -34.07 2.84
N TYR C 165 22.54 -34.31 3.09
CA TYR C 165 22.95 -35.39 3.97
C TYR C 165 22.15 -35.36 5.26
N GLU C 166 22.24 -34.26 6.01
CA GLU C 166 21.66 -34.17 7.36
C GLU C 166 20.14 -34.29 7.37
N LEU C 167 19.53 -33.96 6.24
CA LEU C 167 18.09 -33.92 6.13
C LEU C 167 17.54 -35.34 5.97
N TYR C 168 18.22 -36.17 5.18
CA TYR C 168 17.70 -37.50 4.84
C TYR C 168 18.54 -38.69 5.36
N MET C 169 19.78 -38.43 5.76
CA MET C 169 20.70 -39.50 6.13
C MET C 169 21.40 -39.35 7.47
N GLY C 170 21.59 -38.10 7.91
CA GLY C 170 22.17 -37.82 9.22
C GLY C 170 21.11 -37.83 10.30
N GLU C 171 20.96 -36.70 10.98
CA GLU C 171 19.97 -36.55 12.06
C GLU C 171 18.53 -36.62 11.54
N GLY C 172 18.34 -36.26 10.28
CA GLY C 172 17.02 -36.27 9.64
C GLY C 172 16.34 -37.62 9.51
N LYS C 173 17.13 -38.69 9.44
CA LYS C 173 16.60 -40.06 9.34
C LYS C 173 15.70 -40.45 10.53
N ALA C 174 15.47 -39.50 11.43
CA ALA C 174 14.74 -39.73 12.68
C ALA C 174 13.27 -40.16 12.52
N ALA C 175 12.51 -39.42 11.72
CA ALA C 175 11.08 -39.66 11.56
C ALA C 175 10.59 -39.30 10.16
N VAL C 176 9.87 -40.23 9.53
CA VAL C 176 9.18 -39.97 8.26
C VAL C 176 7.69 -40.20 8.47
N SER C 177 7.10 -39.42 9.38
CA SER C 177 5.69 -39.56 9.77
C SER C 177 4.77 -39.44 8.55
N THR C 178 3.99 -40.50 8.33
CA THR C 178 3.08 -40.60 7.17
C THR C 178 1.71 -39.96 7.42
N ALA C 179 1.54 -39.40 8.62
CA ALA C 179 0.24 -38.97 9.16
C ALA C 179 -0.70 -38.14 8.28
N SER C 180 -0.18 -37.10 7.61
CA SER C 180 -1.02 -36.21 6.80
C SER C 180 -0.60 -36.19 5.31
N PRO C 181 -1.57 -36.40 4.39
CA PRO C 181 -1.29 -36.33 2.95
C PRO C 181 -0.69 -34.98 2.53
N ALA C 182 -1.20 -33.90 3.12
CA ALA C 182 -0.68 -32.55 2.85
C ALA C 182 0.77 -32.37 3.34
N VAL C 183 1.06 -32.86 4.56
CA VAL C 183 2.42 -32.82 5.10
C VAL C 183 3.41 -33.70 4.32
N ASN C 184 2.93 -34.82 3.81
CA ASN C 184 3.76 -35.63 2.91
C ASN C 184 4.11 -34.88 1.62
N SER C 185 3.14 -34.13 1.10
CA SER C 185 3.28 -33.29 -0.10
C SER C 185 4.32 -32.19 0.10
N ALA C 186 4.16 -31.43 1.19
CA ALA C 186 5.12 -30.41 1.57
C ALA C 186 6.52 -31.00 1.65
N TYR C 187 6.64 -32.07 2.44
CA TYR C 187 7.88 -32.83 2.58
C TYR C 187 8.44 -33.30 1.25
N ASN C 188 7.57 -33.79 0.38
CA ASN C 188 7.96 -34.21 -0.95
C ASN C 188 8.50 -33.03 -1.72
N ALA C 189 7.73 -31.93 -1.75
CA ALA C 189 8.10 -30.70 -2.44
C ALA C 189 9.45 -30.16 -1.96
N MET C 190 9.60 -30.06 -0.64
CA MET C 190 10.85 -29.64 -0.01
C MET C 190 12.10 -30.41 -0.51
N MET C 191 11.99 -31.74 -0.53
CA MET C 191 13.05 -32.61 -1.04
C MET C 191 13.35 -32.27 -2.50
N MET C 192 12.27 -32.20 -3.29
CA MET C 192 12.36 -31.86 -4.69
C MET C 192 13.11 -30.54 -4.93
N ILE C 193 12.90 -29.56 -4.06
CA ILE C 193 13.45 -28.24 -4.30
C ILE C 193 14.94 -28.18 -3.92
N ILE C 194 15.25 -28.68 -2.73
CA ILE C 194 16.62 -28.73 -2.20
C ILE C 194 17.56 -29.69 -2.96
N VAL C 195 17.01 -30.73 -3.57
CA VAL C 195 17.83 -31.66 -4.35
C VAL C 195 17.94 -31.22 -5.81
N VAL C 196 16.86 -31.30 -6.56
CA VAL C 196 16.96 -30.86 -7.95
C VAL C 196 16.79 -29.35 -8.06
N GLY C 197 15.81 -28.80 -7.33
CA GLY C 197 15.59 -27.35 -7.36
C GLY C 197 16.89 -26.54 -7.28
N TRP C 198 17.53 -26.60 -6.11
CA TRP C 198 18.74 -25.87 -5.81
C TRP C 198 19.94 -26.19 -6.71
N ALA C 199 19.90 -27.36 -7.36
CA ALA C 199 21.01 -27.82 -8.20
C ALA C 199 21.30 -26.85 -9.34
N ILE C 200 20.30 -26.03 -9.66
CA ILE C 200 20.44 -25.06 -10.73
C ILE C 200 21.53 -23.99 -10.45
N TYR C 201 21.71 -23.61 -9.18
CA TYR C 201 22.68 -22.55 -8.85
C TYR C 201 24.11 -22.99 -9.16
N PRO C 202 24.60 -24.09 -8.53
CA PRO C 202 25.94 -24.64 -8.85
C PRO C 202 26.14 -24.95 -10.34
N ALA C 203 25.09 -25.42 -11.04
CA ALA C 203 25.11 -25.45 -12.51
C ALA C 203 25.48 -24.07 -13.08
N GLY C 204 24.78 -23.01 -12.62
CA GLY C 204 25.08 -21.64 -13.00
C GLY C 204 26.54 -21.27 -12.75
N TYR C 205 26.99 -21.53 -11.53
CA TYR C 205 28.36 -21.21 -11.12
C TYR C 205 29.41 -21.89 -12.02
N ALA C 206 29.20 -23.18 -12.33
CA ALA C 206 30.08 -23.91 -13.23
C ALA C 206 30.15 -23.26 -14.63
N ALA C 207 29.00 -23.09 -15.28
CA ALA C 207 28.89 -22.41 -16.58
C ALA C 207 29.64 -21.08 -16.68
N GLY C 208 29.69 -20.34 -15.57
CA GLY C 208 30.33 -19.04 -15.56
C GLY C 208 31.81 -19.02 -15.23
N TYR C 209 32.27 -19.99 -14.43
CA TYR C 209 33.59 -19.92 -13.83
C TYR C 209 34.46 -21.16 -14.03
N LEU C 210 33.90 -22.23 -14.56
CA LEU C 210 34.59 -23.52 -14.55
C LEU C 210 34.64 -24.22 -15.90
N MET C 211 34.66 -23.44 -16.98
CA MET C 211 34.80 -23.98 -18.33
C MET C 211 36.22 -23.80 -18.92
N GLY C 212 36.68 -22.55 -19.02
CA GLY C 212 37.99 -22.25 -19.60
C GLY C 212 38.51 -20.86 -19.27
N GLY C 213 39.42 -20.79 -18.28
CA GLY C 213 39.97 -19.54 -17.79
C GLY C 213 40.94 -18.91 -18.78
N GLY C 215 38.64 -16.13 -18.45
CA GLY C 215 37.56 -15.16 -18.27
C GLY C 215 36.27 -15.78 -17.76
N VAL C 216 35.29 -14.92 -17.50
CA VAL C 216 33.98 -15.33 -16.95
C VAL C 216 32.89 -15.27 -18.04
N TYR C 217 32.08 -16.33 -18.14
CA TYR C 217 30.96 -16.37 -19.08
C TYR C 217 29.73 -15.76 -18.44
N ALA C 218 29.79 -14.44 -18.30
CA ALA C 218 28.86 -13.62 -17.51
C ALA C 218 27.38 -13.77 -17.86
N SER C 219 27.07 -13.98 -19.13
CA SER C 219 25.69 -14.04 -19.56
C SER C 219 25.02 -15.30 -19.01
N ASN C 220 25.68 -16.43 -19.24
CA ASN C 220 25.14 -17.72 -18.88
C ASN C 220 25.05 -17.93 -17.38
N LEU C 221 25.96 -17.29 -16.65
CA LEU C 221 25.93 -17.24 -15.19
C LEU C 221 24.61 -16.65 -14.69
N ASN C 222 24.29 -15.46 -15.20
CA ASN C 222 23.17 -14.69 -14.72
C ASN C 222 21.83 -15.22 -15.22
N LEU C 223 21.85 -15.73 -16.45
CA LEU C 223 20.68 -16.32 -17.06
C LEU C 223 20.19 -17.50 -16.22
N ILE C 224 21.14 -18.34 -15.80
CA ILE C 224 20.90 -19.52 -14.99
C ILE C 224 20.52 -19.16 -13.55
N TYR C 225 21.29 -18.28 -12.91
CA TYR C 225 20.88 -17.76 -11.58
C TYR C 225 19.43 -17.27 -11.58
N ASN C 226 19.08 -16.47 -12.60
CA ASN C 226 17.73 -15.93 -12.77
C ASN C 226 16.63 -16.98 -12.94
N LEU C 227 16.92 -18.04 -13.69
CA LEU C 227 16.00 -19.17 -13.77
C LEU C 227 15.91 -19.92 -12.45
N ALA C 228 17.02 -19.94 -11.71
CA ALA C 228 17.06 -20.67 -10.44
C ALA C 228 16.20 -19.99 -9.37
N ASP C 229 16.31 -18.65 -9.27
CA ASP C 229 15.46 -17.87 -8.32
C ASP C 229 13.94 -17.98 -8.66
N PHE C 230 13.61 -17.96 -9.96
CA PHE C 230 12.26 -18.20 -10.42
C PHE C 230 11.68 -19.57 -9.96
N VAL C 231 12.44 -20.62 -10.25
CA VAL C 231 12.06 -21.97 -9.89
C VAL C 231 12.03 -22.06 -8.35
N ASN C 232 13.09 -21.60 -7.71
CA ASN C 232 13.21 -21.84 -6.27
C ASN C 232 12.43 -20.91 -5.32
N LYS C 233 12.22 -19.67 -5.75
CA LYS C 233 11.44 -18.72 -4.97
C LYS C 233 9.97 -18.73 -5.41
N ILE C 234 9.71 -18.60 -6.71
CA ILE C 234 8.32 -18.48 -7.17
C ILE C 234 7.63 -19.85 -7.20
N LEU C 235 8.15 -20.79 -8.00
CA LEU C 235 7.56 -22.12 -8.12
C LEU C 235 7.44 -22.94 -6.79
N PHE C 236 8.47 -22.92 -5.95
CA PHE C 236 8.32 -23.49 -4.61
C PHE C 236 7.15 -22.86 -3.84
N GLY C 237 7.19 -21.53 -3.68
CA GLY C 237 6.07 -20.79 -3.10
C GLY C 237 4.75 -21.28 -3.66
N LEU C 238 4.67 -21.41 -4.99
CA LEU C 238 3.46 -21.82 -5.65
C LEU C 238 2.97 -23.23 -5.29
N ILE C 239 3.90 -24.18 -5.15
CA ILE C 239 3.56 -25.55 -4.77
C ILE C 239 3.00 -25.57 -3.36
N ILE C 240 3.72 -24.94 -2.43
CA ILE C 240 3.22 -24.83 -1.04
C ILE C 240 1.81 -24.22 -0.97
N TRP C 241 1.56 -23.17 -1.75
CA TRP C 241 0.23 -22.58 -1.78
C TRP C 241 -0.82 -23.58 -2.26
N ASN C 242 -0.49 -24.36 -3.29
CA ASN C 242 -1.42 -25.35 -3.79
C ASN C 242 -1.74 -26.44 -2.77
N VAL C 243 -0.71 -26.96 -2.09
CA VAL C 243 -0.93 -27.89 -0.98
C VAL C 243 -1.81 -27.20 0.05
N ALA C 244 -1.36 -26.00 0.46
CA ALA C 244 -2.08 -25.21 1.46
C ALA C 244 -3.58 -25.01 1.17
N VAL C 245 -3.93 -24.68 -0.08
CA VAL C 245 -5.32 -24.42 -0.45
C VAL C 245 -6.11 -25.73 -0.49
N LYS C 246 -5.56 -26.75 -1.15
CA LYS C 246 -6.20 -28.07 -1.20
C LYS C 246 -6.53 -28.62 0.22
N GLU C 247 -5.55 -28.57 1.12
CA GLU C 247 -5.72 -29.09 2.47
C GLU C 247 -6.74 -28.24 3.21
N SER C 248 -6.63 -26.93 3.02
CA SER C 248 -7.52 -25.99 3.68
C SER C 248 -8.99 -26.23 3.32
N SER C 249 -9.21 -26.58 2.05
CA SER C 249 -10.53 -26.75 1.48
C SER C 249 -11.18 -28.08 1.92
N ASN C 250 -10.38 -29.14 1.97
CA ASN C 250 -10.86 -30.45 2.45
C ASN C 250 -11.31 -30.42 3.90
N ALA C 251 -10.55 -29.73 4.77
CA ALA C 251 -10.95 -29.52 6.16
C ALA C 251 -12.27 -28.74 6.26
N LYS C 252 -12.49 -27.79 5.36
CA LYS C 252 -13.76 -27.05 5.31
C LYS C 252 -14.97 -27.96 5.07
N LEU C 253 -14.89 -28.80 4.03
CA LEU C 253 -15.95 -29.77 3.69
C LEU C 253 -16.46 -30.54 4.93
N LEU C 254 -15.54 -31.16 5.67
CA LEU C 254 -15.84 -31.83 6.93
C LEU C 254 -16.51 -30.89 7.95
N GLY D 21 6.34 19.05 -17.93
CA GLY D 21 5.46 19.71 -16.92
C GLY D 21 4.29 20.48 -17.52
N GLY D 22 4.10 20.34 -18.84
CA GLY D 22 2.97 20.96 -19.54
C GLY D 22 1.73 20.08 -19.51
N ASP D 23 0.66 20.56 -20.15
CA ASP D 23 -0.57 19.79 -20.31
C ASP D 23 -0.32 18.63 -21.28
N LEU D 24 -1.13 17.58 -21.19
CA LEU D 24 -1.06 16.44 -22.11
C LEU D 24 -1.18 16.93 -23.57
N ASP D 25 -0.31 16.43 -24.43
CA ASP D 25 -0.35 16.83 -25.83
C ASP D 25 -1.60 16.23 -26.49
N ILE D 26 -2.51 17.10 -26.93
CA ILE D 26 -3.76 16.66 -27.54
C ILE D 26 -3.55 16.15 -28.96
N SER D 27 -2.62 16.76 -29.69
CA SER D 27 -2.27 16.31 -31.02
C SER D 27 -1.81 14.85 -31.00
N ASP D 28 -1.11 14.45 -29.93
CA ASP D 28 -0.54 13.11 -29.80
C ASP D 28 -1.59 12.06 -29.40
N THR D 29 -2.37 11.61 -30.38
CA THR D 29 -3.52 10.72 -30.15
C THR D 29 -3.09 9.43 -29.46
N VAL D 30 -1.94 8.91 -29.87
CA VAL D 30 -1.41 7.66 -29.30
C VAL D 30 -1.09 7.80 -27.80
N GLY D 31 -0.39 8.87 -27.43
CA GLY D 31 -0.22 9.25 -26.01
C GLY D 31 -1.51 9.25 -25.16
N VAL D 32 -2.59 9.81 -25.68
CA VAL D 32 -3.79 9.91 -24.89
C VAL D 32 -4.29 8.49 -24.55
N SER D 33 -4.28 7.65 -25.57
CA SER D 33 -4.69 6.26 -25.49
C SER D 33 -3.86 5.46 -24.47
N PHE D 34 -2.53 5.60 -24.55
CA PHE D 34 -1.65 5.01 -23.54
C PHE D 34 -2.02 5.47 -22.14
N TRP D 35 -2.14 6.80 -22.01
CA TRP D 35 -2.45 7.45 -20.76
C TRP D 35 -3.72 6.84 -20.19
N LEU D 36 -4.79 6.84 -20.98
CA LEU D 36 -6.08 6.31 -20.57
C LEU D 36 -6.03 4.87 -20.09
N VAL D 37 -5.39 4.01 -20.88
CA VAL D 37 -5.40 2.58 -20.61
C VAL D 37 -4.55 2.28 -19.39
N THR D 38 -3.42 2.97 -19.27
CA THR D 38 -2.65 3.01 -18.02
C THR D 38 -3.57 3.20 -16.84
N ALA D 39 -4.42 4.24 -16.89
CA ALA D 39 -5.28 4.57 -15.77
C ALA D 39 -6.25 3.40 -15.56
N GLY D 40 -6.67 2.81 -16.66
CA GLY D 40 -7.70 1.80 -16.67
C GLY D 40 -7.16 0.58 -15.99
N MET D 41 -5.95 0.18 -16.36
CA MET D 41 -5.32 -0.95 -15.68
C MET D 41 -5.17 -0.65 -14.20
N LEU D 42 -4.59 0.51 -13.88
CA LEU D 42 -4.58 0.93 -12.48
C LEU D 42 -5.93 0.78 -11.72
N ALA D 43 -7.01 1.38 -12.23
CA ALA D 43 -8.34 1.28 -11.60
C ALA D 43 -8.72 -0.20 -11.44
N ALA D 44 -8.75 -0.89 -12.57
CA ALA D 44 -8.98 -2.33 -12.68
C ALA D 44 -8.29 -3.20 -11.64
N THR D 45 -7.00 -2.98 -11.47
CA THR D 45 -6.23 -3.76 -10.50
C THR D 45 -6.78 -3.57 -9.11
N VAL D 46 -7.09 -2.31 -8.77
CA VAL D 46 -7.61 -1.97 -7.48
C VAL D 46 -9.00 -2.62 -7.37
N PHE D 47 -9.83 -2.44 -8.38
CA PHE D 47 -11.14 -3.04 -8.42
C PHE D 47 -11.08 -4.55 -8.13
N PHE D 48 -10.28 -5.30 -8.89
CA PHE D 48 -10.22 -6.77 -8.75
C PHE D 48 -9.71 -7.21 -7.41
N PHE D 49 -8.62 -6.61 -6.95
CA PHE D 49 -8.11 -6.96 -5.62
C PHE D 49 -9.07 -6.65 -4.48
N VAL D 50 -9.70 -5.49 -4.53
CA VAL D 50 -10.57 -5.06 -3.45
C VAL D 50 -11.83 -5.93 -3.40
N GLU D 51 -12.39 -6.23 -4.56
CA GLU D 51 -13.68 -6.91 -4.66
C GLU D 51 -13.64 -8.38 -4.28
N ARG D 52 -12.44 -8.93 -4.08
CA ARG D 52 -12.27 -10.32 -3.66
C ARG D 52 -13.12 -10.74 -2.47
N ASP D 53 -13.46 -9.76 -1.63
CA ASP D 53 -14.18 -10.05 -0.44
C ASP D 53 -15.71 -10.09 -0.69
N GLN D 54 -16.11 -9.89 -1.95
CA GLN D 54 -17.49 -10.02 -2.41
C GLN D 54 -17.73 -11.34 -3.14
N VAL D 55 -16.73 -12.21 -3.17
CA VAL D 55 -16.84 -13.52 -3.83
C VAL D 55 -16.33 -14.59 -2.87
N SER D 56 -16.80 -15.83 -3.06
CA SER D 56 -16.43 -16.96 -2.22
C SER D 56 -15.02 -17.49 -2.51
N ALA D 57 -14.54 -18.34 -1.60
CA ALA D 57 -13.32 -19.12 -1.80
C ALA D 57 -13.16 -19.73 -3.21
N LYS D 58 -14.26 -20.23 -3.76
CA LYS D 58 -14.29 -20.81 -5.11
C LYS D 58 -13.83 -19.82 -6.18
N TRP D 59 -13.96 -18.51 -5.92
CA TRP D 59 -13.69 -17.48 -6.95
C TRP D 59 -12.49 -16.55 -6.68
N LYS D 60 -12.03 -16.50 -5.43
CA LYS D 60 -11.05 -15.54 -5.02
C LYS D 60 -9.74 -15.57 -5.82
N THR D 61 -9.23 -16.77 -6.13
CA THR D 61 -7.96 -16.87 -6.87
C THR D 61 -8.13 -16.33 -8.27
N SER D 62 -9.35 -16.44 -8.80
CA SER D 62 -9.66 -15.91 -10.12
C SER D 62 -9.43 -14.42 -10.10
N LEU D 63 -10.03 -13.76 -9.12
CA LEU D 63 -9.93 -12.33 -9.02
C LEU D 63 -8.46 -11.89 -8.80
N THR D 64 -7.70 -12.68 -8.04
CA THR D 64 -6.32 -12.37 -7.77
C THR D 64 -5.61 -12.32 -9.13
N VAL D 65 -5.80 -13.40 -9.90
CA VAL D 65 -5.12 -13.60 -11.18
C VAL D 65 -5.52 -12.50 -12.13
N SER D 66 -6.82 -12.23 -12.17
CA SER D 66 -7.35 -11.08 -12.88
C SER D 66 -6.62 -9.78 -12.52
N GLY D 67 -6.36 -9.56 -11.21
CA GLY D 67 -5.73 -8.37 -10.68
C GLY D 67 -4.25 -8.25 -11.04
N LEU D 68 -3.54 -9.39 -10.94
CA LEU D 68 -2.16 -9.51 -11.35
C LEU D 68 -1.94 -9.25 -12.85
N ILE D 69 -2.87 -9.73 -13.68
CA ILE D 69 -2.87 -9.41 -15.12
C ILE D 69 -2.93 -7.89 -15.29
N THR D 70 -3.96 -7.25 -14.74
CA THR D 70 -4.02 -5.79 -14.88
C THR D 70 -2.88 -4.98 -14.20
N GLY D 71 -2.27 -5.53 -13.14
CA GLY D 71 -1.24 -4.83 -12.37
C GLY D 71 0.05 -4.78 -13.17
N ILE D 72 0.38 -5.94 -13.74
CA ILE D 72 1.56 -6.11 -14.56
C ILE D 72 1.40 -5.30 -15.84
N ALA D 73 0.21 -5.32 -16.42
CA ALA D 73 -0.07 -4.42 -17.53
C ALA D 73 0.18 -2.96 -17.17
N PHE D 74 -0.38 -2.51 -16.04
CA PHE D 74 -0.17 -1.14 -15.57
C PHE D 74 1.33 -0.67 -15.65
N TRP D 75 2.24 -1.42 -15.01
CA TRP D 75 3.65 -1.09 -14.97
C TRP D 75 4.23 -0.94 -16.36
N HIS D 76 3.91 -1.89 -17.24
CA HIS D 76 4.40 -1.89 -18.62
C HIS D 76 3.76 -0.78 -19.42
N TYR D 77 2.49 -0.48 -19.17
CA TYR D 77 1.90 0.72 -19.78
C TYR D 77 2.63 2.02 -19.44
N LEU D 78 3.22 2.09 -18.24
CA LEU D 78 3.91 3.27 -17.83
C LEU D 78 5.17 3.40 -18.69
N TYR D 79 5.91 2.31 -18.83
CA TYR D 79 7.11 2.27 -19.65
C TYR D 79 6.83 2.44 -21.13
N MET D 80 5.76 1.82 -21.60
CA MET D 80 5.40 1.96 -23.01
C MET D 80 5.14 3.41 -23.35
N ARG D 81 4.24 4.03 -22.60
CA ARG D 81 3.93 5.44 -22.82
C ARG D 81 5.17 6.37 -22.75
N GLY D 82 6.15 6.04 -21.91
CA GLY D 82 7.34 6.86 -21.78
C GLY D 82 8.25 6.72 -22.98
N VAL D 83 8.27 5.52 -23.55
CA VAL D 83 9.03 5.22 -24.74
C VAL D 83 8.42 6.00 -25.90
N TRP D 84 7.10 5.96 -26.02
CA TRP D 84 6.40 6.75 -27.04
C TRP D 84 6.70 8.24 -26.97
N ILE D 85 6.52 8.86 -25.81
CA ILE D 85 6.64 10.31 -25.73
C ILE D 85 8.08 10.79 -25.84
N ASP D 86 9.03 9.99 -25.37
CA ASP D 86 10.42 10.42 -25.35
C ASP D 86 11.15 10.20 -26.67
N THR D 87 10.69 9.24 -27.47
CA THR D 87 11.37 8.95 -28.73
C THR D 87 10.42 8.86 -29.94
N GLY D 88 9.14 8.60 -29.68
CA GLY D 88 8.15 8.41 -30.75
C GLY D 88 8.13 7.04 -31.41
N ASP D 89 9.08 6.17 -31.04
CA ASP D 89 9.17 4.81 -31.61
C ASP D 89 8.16 3.84 -30.98
N THR D 90 7.80 2.77 -31.69
CA THR D 90 6.84 1.79 -31.16
C THR D 90 7.49 0.86 -30.11
N PRO D 91 6.78 0.63 -28.95
CA PRO D 91 7.38 -0.11 -27.82
C PRO D 91 7.23 -1.63 -27.90
N THR D 92 7.62 -2.19 -29.04
CA THR D 92 7.50 -3.60 -29.34
C THR D 92 7.94 -4.53 -28.19
N VAL D 93 9.16 -4.35 -27.70
CA VAL D 93 9.66 -5.22 -26.64
C VAL D 93 8.83 -5.12 -25.35
N PHE D 94 8.52 -3.89 -24.93
CA PHE D 94 7.70 -3.72 -23.73
C PHE D 94 6.32 -4.33 -23.93
N ARG D 95 5.77 -4.13 -25.11
CA ARG D 95 4.48 -4.67 -25.50
C ARG D 95 4.45 -6.23 -25.44
N TYR D 96 5.45 -6.89 -26.04
CA TYR D 96 5.57 -8.36 -26.02
C TYR D 96 5.98 -8.97 -24.67
N ILE D 97 6.93 -8.35 -23.98
CA ILE D 97 7.24 -8.74 -22.58
C ILE D 97 5.99 -8.70 -21.68
N ASN D 98 5.17 -7.68 -21.85
CA ASN D 98 3.92 -7.58 -21.14
C ASN D 98 3.01 -8.80 -21.41
N TRP D 99 2.86 -9.15 -22.68
CA TRP D 99 2.00 -10.27 -23.08
C TRP D 99 2.58 -11.60 -22.68
N LEU D 100 3.90 -11.71 -22.76
CA LEU D 100 4.59 -12.90 -22.29
C LEU D 100 4.23 -13.20 -20.83
N LEU D 101 4.08 -12.14 -20.02
CA LEU D 101 3.80 -12.30 -18.58
C LEU D 101 2.29 -12.48 -18.27
N THR D 102 1.45 -11.84 -19.08
CA THR D 102 0.04 -11.77 -18.82
C THR D 102 -0.76 -12.88 -19.50
N VAL D 103 -0.38 -13.26 -20.73
CA VAL D 103 -1.12 -14.30 -21.46
C VAL D 103 -1.18 -15.65 -20.71
N PRO D 104 -0.02 -16.22 -20.28
CA PRO D 104 -0.03 -17.43 -19.47
C PRO D 104 -0.91 -17.28 -18.25
N LEU D 105 -0.84 -16.09 -17.63
CA LEU D 105 -1.69 -15.75 -16.51
C LEU D 105 -3.17 -15.88 -16.90
N LEU D 106 -3.53 -15.39 -18.09
CA LEU D 106 -4.89 -15.55 -18.63
C LEU D 106 -5.19 -17.03 -18.92
N VAL D 107 -4.22 -17.75 -19.47
CA VAL D 107 -4.37 -19.21 -19.62
C VAL D 107 -4.58 -19.90 -18.27
N VAL D 108 -3.87 -19.48 -17.23
CA VAL D 108 -4.11 -20.06 -15.91
C VAL D 108 -5.58 -19.94 -15.45
N GLU D 109 -6.21 -18.81 -15.82
CA GLU D 109 -7.62 -18.54 -15.53
C GLU D 109 -8.51 -19.55 -16.24
N PHE D 110 -8.17 -19.87 -17.49
CA PHE D 110 -8.89 -20.87 -18.26
C PHE D 110 -8.74 -22.24 -17.60
N TYR D 111 -7.54 -22.54 -17.12
CA TYR D 111 -7.29 -23.77 -16.37
C TYR D 111 -8.13 -23.85 -15.11
N LEU D 112 -8.14 -22.75 -14.34
CA LEU D 112 -8.90 -22.66 -13.09
C LEU D 112 -10.39 -22.92 -13.30
N ILE D 113 -10.97 -22.25 -14.28
CA ILE D 113 -12.35 -22.49 -14.71
C ILE D 113 -12.50 -23.97 -15.11
N LEU D 114 -11.78 -24.37 -16.15
CA LEU D 114 -11.86 -25.74 -16.70
C LEU D 114 -11.65 -26.88 -15.68
N ALA D 115 -11.14 -26.57 -14.48
CA ALA D 115 -10.93 -27.61 -13.46
C ALA D 115 -12.26 -28.19 -12.93
N ALA D 116 -13.34 -27.46 -13.12
CA ALA D 116 -14.69 -27.96 -12.86
C ALA D 116 -15.16 -28.82 -14.03
N CYS D 117 -15.35 -28.18 -15.18
CA CYS D 117 -15.94 -28.76 -16.40
C CYS D 117 -15.41 -30.11 -16.91
N THR D 118 -14.12 -30.36 -16.72
CA THR D 118 -13.48 -31.61 -17.19
C THR D 118 -12.43 -32.11 -16.17
N SER D 119 -11.91 -33.31 -16.40
CA SER D 119 -10.80 -33.85 -15.62
C SER D 119 -9.54 -33.77 -16.45
N VAL D 120 -9.71 -33.30 -17.68
CA VAL D 120 -8.63 -33.17 -18.65
C VAL D 120 -8.02 -31.78 -18.59
N ALA D 121 -8.41 -31.01 -17.57
CA ALA D 121 -8.04 -29.59 -17.43
C ALA D 121 -6.54 -29.29 -17.49
N ALA D 122 -5.72 -30.17 -16.90
CA ALA D 122 -4.26 -29.97 -16.84
C ALA D 122 -3.62 -30.18 -18.19
N SER D 123 -4.24 -31.01 -19.00
CA SER D 123 -3.78 -31.26 -20.36
C SER D 123 -3.94 -30.00 -21.20
N LEU D 124 -5.18 -29.50 -21.25
CA LEU D 124 -5.50 -28.27 -21.97
C LEU D 124 -4.53 -27.15 -21.64
N PHE D 125 -4.29 -26.91 -20.35
CA PHE D 125 -3.38 -25.86 -19.92
C PHE D 125 -2.05 -25.97 -20.66
N LYS D 126 -1.45 -27.17 -20.64
CA LYS D 126 -0.17 -27.41 -21.31
C LYS D 126 -0.26 -27.03 -22.78
N LYS D 127 -1.34 -27.42 -23.44
CA LYS D 127 -1.51 -27.19 -24.87
C LYS D 127 -1.76 -25.72 -25.20
N LEU D 128 -2.67 -25.09 -24.46
CA LEU D 128 -2.99 -23.66 -24.63
C LEU D 128 -1.77 -22.77 -24.40
N LEU D 129 -0.95 -23.11 -23.40
CA LEU D 129 0.28 -22.37 -23.16
C LEU D 129 1.17 -22.42 -24.40
N ALA D 130 1.51 -23.64 -24.82
CA ALA D 130 2.33 -23.90 -26.02
C ALA D 130 1.81 -23.16 -27.25
N GLY D 131 0.50 -23.22 -27.48
CA GLY D 131 -0.13 -22.49 -28.57
C GLY D 131 0.11 -20.99 -28.48
N SER D 132 -0.09 -20.43 -27.29
CA SER D 132 -0.01 -18.98 -27.09
C SER D 132 1.42 -18.49 -27.19
N LEU D 133 2.35 -19.31 -26.73
CA LEU D 133 3.76 -19.00 -26.78
C LEU D 133 4.22 -18.95 -28.24
N VAL D 134 3.65 -19.82 -29.06
CA VAL D 134 3.91 -19.85 -30.49
C VAL D 134 3.31 -18.59 -31.13
N MET D 135 2.08 -18.29 -30.75
CA MET D 135 1.38 -17.09 -31.23
C MET D 135 2.15 -15.79 -31.00
N LEU D 136 2.71 -15.65 -29.81
CA LEU D 136 3.49 -14.48 -29.44
C LEU D 136 4.88 -14.48 -30.06
N GLY D 137 5.46 -15.68 -30.21
CA GLY D 137 6.77 -15.87 -30.83
C GLY D 137 6.72 -15.43 -32.29
N ALA D 138 5.72 -15.94 -33.01
CA ALA D 138 5.53 -15.55 -34.41
C ALA D 138 5.38 -14.03 -34.52
N GLY D 139 4.37 -13.47 -33.85
CA GLY D 139 4.15 -12.02 -33.80
C GLY D 139 5.42 -11.22 -33.50
N PHE D 140 6.14 -11.63 -32.48
CA PHE D 140 7.34 -10.90 -32.12
C PHE D 140 8.36 -10.90 -33.27
N ALA D 141 8.61 -12.08 -33.85
CA ALA D 141 9.56 -12.23 -34.97
C ALA D 141 9.19 -11.28 -36.10
N GLY D 142 7.90 -11.15 -36.36
CA GLY D 142 7.37 -10.16 -37.29
C GLY D 142 7.74 -8.71 -37.01
N GLU D 143 7.30 -8.19 -35.86
CA GLU D 143 7.51 -6.78 -35.48
C GLU D 143 8.98 -6.46 -35.21
N ALA D 144 9.72 -7.46 -34.74
CA ALA D 144 11.15 -7.31 -34.47
C ALA D 144 12.02 -7.40 -35.74
N GLY D 145 11.42 -7.78 -36.86
CA GLY D 145 12.14 -7.88 -38.12
C GLY D 145 13.08 -9.06 -38.13
N LEU D 146 12.77 -10.06 -37.31
CA LEU D 146 13.56 -11.28 -37.24
C LEU D 146 13.07 -12.30 -38.28
N ALA D 147 11.89 -12.03 -38.83
CA ALA D 147 11.26 -12.88 -39.81
C ALA D 147 10.33 -12.00 -40.63
N PRO D 148 10.10 -12.36 -41.90
CA PRO D 148 9.22 -11.53 -42.73
C PRO D 148 7.84 -11.42 -42.13
N VAL D 149 7.25 -10.27 -42.38
CA VAL D 149 6.05 -9.85 -41.75
C VAL D 149 4.81 -10.74 -41.96
N LEU D 150 4.54 -11.16 -43.20
CA LEU D 150 3.32 -11.91 -43.52
C LEU D 150 3.35 -13.40 -43.14
N PRO D 151 4.48 -14.10 -43.37
CA PRO D 151 4.54 -15.48 -42.84
C PRO D 151 4.46 -15.51 -41.32
N ALA D 152 5.11 -14.54 -40.67
CA ALA D 152 5.04 -14.41 -39.20
C ALA D 152 3.59 -14.25 -38.73
N PHE D 153 2.81 -13.47 -39.47
CA PHE D 153 1.41 -13.34 -39.18
C PHE D 153 0.71 -14.70 -39.26
N ILE D 154 1.14 -15.54 -40.21
CA ILE D 154 0.50 -16.81 -40.52
C ILE D 154 0.67 -17.79 -39.37
N ILE D 155 1.92 -17.97 -38.95
CA ILE D 155 2.26 -18.83 -37.79
C ILE D 155 1.62 -18.27 -36.53
N GLY D 156 1.45 -16.95 -36.49
CA GLY D 156 0.72 -16.26 -35.45
C GLY D 156 -0.71 -16.77 -35.32
N MET D 157 -1.46 -16.74 -36.41
CA MET D 157 -2.81 -17.23 -36.43
C MET D 157 -2.87 -18.73 -36.14
N ALA D 158 -1.83 -19.47 -36.59
CA ALA D 158 -1.77 -20.92 -36.36
C ALA D 158 -1.93 -21.22 -34.87
N GLY D 159 -1.00 -20.70 -34.08
CA GLY D 159 -1.03 -20.81 -32.62
C GLY D 159 -2.37 -20.38 -32.02
N TRP D 160 -2.95 -19.31 -32.56
CA TRP D 160 -4.20 -18.78 -32.04
C TRP D 160 -5.36 -19.70 -32.36
N LEU D 161 -5.47 -20.07 -33.64
CA LEU D 161 -6.52 -20.94 -34.11
C LEU D 161 -6.39 -22.32 -33.47
N TYR D 162 -5.16 -22.80 -33.30
CA TYR D 162 -4.91 -24.03 -32.56
C TYR D 162 -5.51 -23.97 -31.16
N MET D 163 -5.30 -22.84 -30.48
CA MET D 163 -5.88 -22.64 -29.15
C MET D 163 -7.39 -22.75 -29.24
N ILE D 164 -7.99 -21.95 -30.13
CA ILE D 164 -9.43 -21.94 -30.32
C ILE D 164 -9.93 -23.33 -30.66
N TYR D 165 -9.16 -24.05 -31.47
CA TYR D 165 -9.53 -25.41 -31.87
C TYR D 165 -9.66 -26.35 -30.67
N GLU D 166 -8.60 -26.45 -29.86
CA GLU D 166 -8.58 -27.36 -28.71
C GLU D 166 -9.66 -27.07 -27.67
N LEU D 167 -10.17 -25.84 -27.64
CA LEU D 167 -11.29 -25.50 -26.78
C LEU D 167 -12.64 -25.97 -27.35
N TYR D 168 -12.91 -25.62 -28.61
CA TYR D 168 -14.19 -25.94 -29.26
C TYR D 168 -14.35 -27.42 -29.72
N MET D 169 -13.37 -27.91 -30.48
CA MET D 169 -13.29 -29.32 -30.83
C MET D 169 -12.21 -29.95 -29.97
N GLY D 170 -11.69 -31.11 -30.39
CA GLY D 170 -10.59 -31.76 -29.68
C GLY D 170 -10.91 -32.13 -28.24
N GLU D 171 -10.02 -31.73 -27.33
CA GLU D 171 -10.08 -32.13 -25.92
C GLU D 171 -11.07 -31.38 -25.04
N GLY D 172 -11.11 -30.05 -25.14
CA GLY D 172 -11.99 -29.21 -24.34
C GLY D 172 -13.47 -29.46 -24.60
N LYS D 173 -13.75 -30.58 -25.25
CA LYS D 173 -15.09 -30.99 -25.65
C LYS D 173 -15.79 -31.81 -24.53
N ALA D 174 -15.68 -31.34 -23.29
CA ALA D 174 -16.38 -31.97 -22.15
C ALA D 174 -17.40 -31.02 -21.47
N ALA D 175 -18.19 -31.57 -20.53
CA ALA D 175 -19.32 -30.88 -19.86
C ALA D 175 -19.25 -29.34 -19.84
N ALA D 179 -24.03 -29.54 -11.08
CA ALA D 179 -24.40 -28.96 -9.80
C ALA D 179 -24.18 -27.44 -9.75
N SER D 180 -23.54 -26.88 -10.78
CA SER D 180 -23.20 -25.44 -10.82
C SER D 180 -23.72 -24.70 -12.06
N PRO D 181 -24.51 -23.63 -11.84
CA PRO D 181 -25.04 -22.80 -12.92
C PRO D 181 -24.18 -21.56 -13.24
N ALA D 182 -22.97 -21.47 -12.66
CA ALA D 182 -22.10 -20.32 -12.86
C ALA D 182 -20.88 -20.68 -13.71
N VAL D 183 -20.31 -21.85 -13.44
CA VAL D 183 -19.14 -22.34 -14.19
C VAL D 183 -19.44 -22.41 -15.69
N ASN D 184 -20.72 -22.59 -16.03
CA ASN D 184 -21.17 -22.54 -17.42
C ASN D 184 -21.02 -21.15 -18.06
N SER D 185 -21.47 -20.10 -17.37
CA SER D 185 -21.37 -18.72 -17.89
C SER D 185 -19.90 -18.32 -18.10
N ALA D 186 -19.05 -18.73 -17.15
CA ALA D 186 -17.64 -18.42 -17.17
C ALA D 186 -16.92 -19.18 -18.29
N TYR D 187 -17.34 -20.43 -18.50
CA TYR D 187 -16.93 -21.20 -19.66
C TYR D 187 -17.22 -20.44 -20.95
N ASN D 188 -18.49 -20.10 -21.18
CA ASN D 188 -18.89 -19.35 -22.37
C ASN D 188 -18.06 -18.08 -22.53
N ALA D 189 -18.02 -17.30 -21.45
CA ALA D 189 -17.19 -16.09 -21.34
C ALA D 189 -15.80 -16.29 -21.93
N MET D 190 -15.17 -17.41 -21.54
CA MET D 190 -13.84 -17.81 -22.02
C MET D 190 -13.84 -18.14 -23.52
N MET D 191 -14.69 -19.07 -23.92
CA MET D 191 -14.79 -19.46 -25.32
C MET D 191 -15.05 -18.22 -26.18
N MET D 192 -15.93 -17.35 -25.69
CA MET D 192 -16.31 -16.13 -26.37
C MET D 192 -15.13 -15.17 -26.54
N ILE D 193 -14.35 -14.97 -25.48
CA ILE D 193 -13.33 -13.93 -25.46
C ILE D 193 -12.08 -14.28 -26.29
N ILE D 194 -11.69 -15.54 -26.20
CA ILE D 194 -10.51 -16.03 -26.89
C ILE D 194 -10.74 -16.04 -28.40
N VAL D 195 -12.02 -16.10 -28.81
CA VAL D 195 -12.37 -15.96 -30.22
C VAL D 195 -12.62 -14.50 -30.60
N VAL D 196 -13.72 -13.94 -30.10
CA VAL D 196 -14.14 -12.59 -30.48
C VAL D 196 -13.22 -11.50 -29.94
N GLY D 197 -12.83 -11.62 -28.66
CA GLY D 197 -12.02 -10.61 -28.00
C GLY D 197 -10.60 -10.56 -28.53
N TRP D 198 -9.93 -11.70 -28.49
CA TRP D 198 -8.53 -11.81 -28.92
C TRP D 198 -8.28 -11.44 -30.39
N ALA D 199 -9.34 -11.47 -31.20
CA ALA D 199 -9.27 -11.10 -32.61
C ALA D 199 -8.67 -9.72 -32.87
N ILE D 200 -9.00 -8.74 -32.02
CA ILE D 200 -8.47 -7.37 -32.17
C ILE D 200 -6.94 -7.30 -32.31
N TYR D 201 -6.24 -8.31 -31.75
CA TYR D 201 -4.77 -8.33 -31.79
C TYR D 201 -4.22 -8.51 -33.20
N PRO D 202 -4.49 -9.65 -33.86
CA PRO D 202 -4.10 -9.81 -35.28
C PRO D 202 -4.73 -8.73 -36.17
N ALA D 203 -5.92 -8.26 -35.81
CA ALA D 203 -6.52 -7.12 -36.50
C ALA D 203 -5.59 -5.89 -36.44
N GLY D 204 -5.01 -5.65 -35.27
CA GLY D 204 -4.07 -4.56 -35.08
C GLY D 204 -2.74 -4.76 -35.80
N TYR D 205 -2.22 -5.99 -35.73
CA TYR D 205 -0.99 -6.38 -36.42
C TYR D 205 -1.11 -6.18 -37.93
N ALA D 206 -2.24 -6.63 -38.50
CA ALA D 206 -2.56 -6.41 -39.91
C ALA D 206 -2.54 -4.92 -40.23
N ALA D 207 -3.29 -4.15 -39.44
CA ALA D 207 -3.36 -2.71 -39.62
C ALA D 207 -1.97 -2.05 -39.66
N GLY D 208 -1.01 -2.61 -38.93
CA GLY D 208 0.29 -1.98 -38.79
C GLY D 208 1.28 -2.33 -39.89
N TYR D 209 1.25 -3.60 -40.31
CA TYR D 209 2.29 -4.17 -41.15
C TYR D 209 1.79 -4.79 -42.47
N LEU D 210 0.48 -4.82 -42.67
CA LEU D 210 -0.08 -5.56 -43.81
C LEU D 210 -0.85 -4.67 -44.80
N MET D 211 -0.54 -3.38 -44.82
CA MET D 211 -1.10 -2.51 -45.86
C MET D 211 -0.13 -2.39 -47.04
N GLY D 212 0.97 -3.16 -47.00
CA GLY D 212 1.97 -3.17 -48.06
C GLY D 212 2.79 -1.88 -48.11
N GLY D 215 6.48 1.56 -45.15
CA GLY D 215 6.69 1.88 -43.73
C GLY D 215 5.90 0.97 -42.81
N VAL D 216 5.55 1.49 -41.62
CA VAL D 216 4.73 0.78 -40.64
C VAL D 216 3.67 1.76 -40.11
N TYR D 217 2.42 1.33 -40.04
CA TYR D 217 1.35 2.20 -39.53
C TYR D 217 1.34 2.26 -37.99
N ALA D 218 2.39 2.90 -37.47
CA ALA D 218 2.68 2.94 -36.04
C ALA D 218 1.50 3.31 -35.15
N SER D 219 0.74 4.34 -35.52
CA SER D 219 -0.34 4.84 -34.70
C SER D 219 -1.52 3.88 -34.60
N ASN D 220 -1.87 3.29 -35.73
CA ASN D 220 -3.04 2.41 -35.81
C ASN D 220 -2.80 1.16 -35.02
N LEU D 221 -1.57 0.66 -35.16
CA LEU D 221 -1.09 -0.52 -34.45
C LEU D 221 -1.33 -0.31 -32.96
N ASN D 222 -0.65 0.70 -32.41
CA ASN D 222 -0.73 1.03 -31.00
C ASN D 222 -2.14 1.30 -30.44
N LEU D 223 -2.95 2.06 -31.19
CA LEU D 223 -4.33 2.33 -30.85
C LEU D 223 -5.15 1.02 -30.71
N ILE D 224 -4.98 0.11 -31.67
CA ILE D 224 -5.70 -1.18 -31.66
C ILE D 224 -5.19 -2.09 -30.54
N TYR D 225 -3.88 -2.13 -30.35
CA TYR D 225 -3.33 -2.96 -29.28
C TYR D 225 -3.86 -2.43 -27.93
N ASN D 226 -3.73 -1.12 -27.72
CA ASN D 226 -4.23 -0.49 -26.50
C ASN D 226 -5.73 -0.78 -26.31
N LEU D 227 -6.47 -0.80 -27.41
CA LEU D 227 -7.88 -1.08 -27.33
C LEU D 227 -8.10 -2.55 -26.98
N ALA D 228 -7.31 -3.42 -27.60
CA ALA D 228 -7.40 -4.84 -27.32
C ALA D 228 -7.08 -5.14 -25.87
N ASP D 229 -5.97 -4.60 -25.35
CA ASP D 229 -5.62 -4.72 -23.92
C ASP D 229 -6.75 -4.28 -22.97
N PHE D 230 -7.35 -3.12 -23.20
CA PHE D 230 -8.51 -2.66 -22.45
C PHE D 230 -9.61 -3.71 -22.43
N VAL D 231 -9.94 -4.23 -23.61
CA VAL D 231 -11.09 -5.10 -23.76
C VAL D 231 -10.81 -6.44 -23.11
N ASN D 232 -9.62 -6.97 -23.37
CA ASN D 232 -9.29 -8.33 -23.00
C ASN D 232 -8.79 -8.52 -21.59
N LYS D 233 -8.35 -7.43 -20.98
CA LYS D 233 -7.76 -7.52 -19.66
C LYS D 233 -8.73 -6.97 -18.64
N ILE D 234 -9.37 -5.85 -18.95
CA ILE D 234 -10.29 -5.26 -18.01
C ILE D 234 -11.66 -5.92 -18.17
N LEU D 235 -12.21 -5.84 -19.38
CA LEU D 235 -13.57 -6.29 -19.62
C LEU D 235 -13.74 -7.81 -19.41
N PHE D 236 -12.73 -8.59 -19.77
CA PHE D 236 -12.72 -10.02 -19.39
C PHE D 236 -12.75 -10.24 -17.88
N GLY D 237 -11.80 -9.62 -17.17
CA GLY D 237 -11.83 -9.58 -15.72
C GLY D 237 -13.20 -9.23 -15.15
N LEU D 238 -13.86 -8.21 -15.72
CA LEU D 238 -15.17 -7.78 -15.27
C LEU D 238 -16.25 -8.86 -15.41
N ILE D 239 -16.20 -9.63 -16.48
CA ILE D 239 -17.15 -10.68 -16.73
C ILE D 239 -17.03 -11.75 -15.64
N ILE D 240 -15.81 -12.19 -15.38
CA ILE D 240 -15.60 -13.17 -14.33
C ILE D 240 -16.13 -12.65 -13.00
N TRP D 241 -15.80 -11.40 -12.68
CA TRP D 241 -16.29 -10.79 -11.46
C TRP D 241 -17.82 -10.88 -11.33
N ASN D 242 -18.53 -10.67 -12.45
CA ASN D 242 -19.97 -10.62 -12.44
C ASN D 242 -20.54 -12.01 -12.17
N VAL D 243 -19.93 -13.02 -12.76
CA VAL D 243 -20.31 -14.40 -12.52
C VAL D 243 -20.07 -14.80 -11.07
N ALA D 244 -18.88 -14.48 -10.56
CA ALA D 244 -18.51 -14.84 -9.18
C ALA D 244 -19.42 -14.18 -8.16
N VAL D 245 -19.77 -12.93 -8.41
CA VAL D 245 -20.59 -12.16 -7.48
C VAL D 245 -22.00 -12.72 -7.41
N LYS D 246 -22.57 -13.01 -8.58
CA LYS D 246 -23.89 -13.59 -8.65
C LYS D 246 -23.92 -14.93 -7.91
N GLU D 247 -22.94 -15.80 -8.19
CA GLU D 247 -22.91 -17.15 -7.62
C GLU D 247 -22.74 -17.14 -6.10
N SER D 248 -21.93 -16.21 -5.61
CA SER D 248 -21.60 -16.19 -4.20
C SER D 248 -22.80 -15.73 -3.35
N SER D 249 -23.58 -14.79 -3.87
CA SER D 249 -24.74 -14.29 -3.15
C SER D 249 -25.93 -15.27 -3.27
N ASN D 250 -25.94 -16.05 -4.35
CA ASN D 250 -26.92 -17.10 -4.56
C ASN D 250 -26.68 -18.28 -3.63
N ALA D 251 -25.45 -18.79 -3.64
CA ALA D 251 -25.04 -19.87 -2.74
C ALA D 251 -25.12 -19.46 -1.27
N LYS D 252 -25.19 -18.16 -0.99
CA LYS D 252 -25.32 -17.64 0.37
C LYS D 252 -26.71 -17.81 0.95
N LEU D 253 -27.71 -17.88 0.07
CA LEU D 253 -29.11 -17.98 0.47
C LEU D 253 -29.43 -19.24 1.31
N LEU D 254 -28.55 -20.23 1.28
CA LEU D 254 -28.68 -21.44 2.11
C LEU D 254 -28.24 -21.17 3.55
N GLY E 22 9.80 26.65 -1.83
CA GLY E 22 9.44 27.58 -0.71
C GLY E 22 8.07 27.24 -0.14
N ASP E 23 7.55 28.09 0.75
CA ASP E 23 6.19 27.91 1.27
C ASP E 23 5.22 28.01 0.09
N LEU E 24 4.04 27.40 0.23
CA LEU E 24 2.99 27.50 -0.76
C LEU E 24 2.64 28.97 -0.97
N ASP E 25 2.39 29.35 -2.22
CA ASP E 25 2.13 30.76 -2.56
C ASP E 25 0.65 31.16 -2.51
N ILE E 26 0.28 31.88 -1.45
CA ILE E 26 -1.13 32.18 -1.14
C ILE E 26 -1.82 33.17 -2.10
N SER E 27 -1.01 33.88 -2.88
CA SER E 27 -1.52 34.82 -3.86
C SER E 27 -2.09 34.02 -5.01
N ASP E 28 -1.61 32.80 -5.18
CA ASP E 28 -2.07 31.94 -6.26
C ASP E 28 -3.31 31.16 -5.77
N THR E 29 -4.44 31.86 -5.72
CA THR E 29 -5.70 31.31 -5.23
C THR E 29 -5.98 29.92 -5.80
N VAL E 30 -5.90 29.81 -7.12
CA VAL E 30 -6.15 28.54 -7.78
C VAL E 30 -5.06 27.49 -7.50
N GLY E 31 -3.79 27.91 -7.51
CA GLY E 31 -2.74 27.07 -6.95
C GLY E 31 -3.20 26.36 -5.67
N VAL E 32 -3.66 27.14 -4.71
CA VAL E 32 -4.09 26.66 -3.40
C VAL E 32 -5.34 25.81 -3.51
N SER E 33 -6.24 26.18 -4.39
CA SER E 33 -7.46 25.44 -4.62
C SER E 33 -7.13 24.02 -5.06
N PHE E 34 -6.16 23.90 -5.97
CA PHE E 34 -5.75 22.61 -6.48
C PHE E 34 -5.19 21.79 -5.32
N TRP E 35 -4.38 22.44 -4.49
CA TRP E 35 -3.83 21.79 -3.31
C TRP E 35 -4.94 21.22 -2.40
N LEU E 36 -6.00 21.97 -2.20
CA LEU E 36 -6.99 21.59 -1.22
C LEU E 36 -7.80 20.37 -1.65
N VAL E 37 -8.22 20.35 -2.92
CA VAL E 37 -9.02 19.24 -3.45
C VAL E 37 -8.22 17.98 -3.80
N THR E 38 -7.00 18.13 -4.26
CA THR E 38 -6.05 17.03 -4.32
C THR E 38 -6.04 16.26 -2.99
N ALA E 39 -5.84 16.99 -1.88
CA ALA E 39 -5.73 16.35 -0.58
C ALA E 39 -7.09 15.76 -0.16
N GLY E 40 -8.17 16.35 -0.65
CA GLY E 40 -9.47 15.91 -0.26
C GLY E 40 -9.76 14.64 -1.01
N MET E 41 -9.19 14.54 -2.21
CA MET E 41 -9.39 13.36 -3.07
C MET E 41 -8.60 12.22 -2.45
N LEU E 42 -7.38 12.53 -2.02
CA LEU E 42 -6.55 11.58 -1.33
C LEU E 42 -7.25 11.01 -0.10
N ALA E 43 -7.91 11.89 0.64
CA ALA E 43 -8.48 11.54 1.91
C ALA E 43 -9.72 10.68 1.66
N ALA E 44 -10.43 11.04 0.60
CA ALA E 44 -11.75 10.50 0.30
C ALA E 44 -11.61 9.11 -0.32
N THR E 45 -10.57 8.94 -1.13
CA THR E 45 -10.22 7.63 -1.65
C THR E 45 -9.95 6.69 -0.47
N VAL E 46 -9.11 7.15 0.46
CA VAL E 46 -8.81 6.35 1.64
C VAL E 46 -10.10 6.06 2.42
N PHE E 47 -10.90 7.10 2.63
CA PHE E 47 -12.12 6.97 3.41
C PHE E 47 -12.97 5.80 2.89
N PHE E 48 -13.34 5.88 1.61
CA PHE E 48 -14.23 4.95 0.91
C PHE E 48 -13.76 3.51 0.82
N PHE E 49 -12.48 3.29 0.52
CA PHE E 49 -11.98 1.90 0.53
C PHE E 49 -11.97 1.33 1.94
N VAL E 50 -11.57 2.15 2.92
CA VAL E 50 -11.40 1.63 4.26
C VAL E 50 -12.77 1.33 4.88
N GLU E 51 -13.77 2.11 4.48
CA GLU E 51 -15.06 2.09 5.13
C GLU E 51 -16.01 1.04 4.58
N ARG E 52 -15.47 0.21 3.70
CA ARG E 52 -16.24 -0.85 3.05
C ARG E 52 -16.65 -1.92 4.06
N ASP E 53 -15.85 -2.07 5.12
CA ASP E 53 -16.16 -3.03 6.16
C ASP E 53 -17.24 -2.49 7.14
N GLN E 54 -17.86 -1.36 6.80
CA GLN E 54 -18.94 -0.78 7.58
C GLN E 54 -20.25 -0.92 6.84
N VAL E 55 -20.17 -1.42 5.63
CA VAL E 55 -21.35 -1.71 4.83
C VAL E 55 -21.35 -3.18 4.39
N SER E 56 -22.55 -3.69 4.12
CA SER E 56 -22.78 -5.06 3.73
C SER E 56 -22.51 -5.26 2.23
N ALA E 57 -22.56 -6.51 1.78
CA ALA E 57 -22.23 -6.85 0.40
C ALA E 57 -23.03 -6.02 -0.60
N LYS E 58 -24.32 -5.82 -0.33
CA LYS E 58 -25.14 -4.92 -1.15
C LYS E 58 -24.43 -3.62 -1.55
N TRP E 59 -23.64 -3.04 -0.64
CA TRP E 59 -23.12 -1.69 -0.82
C TRP E 59 -21.62 -1.60 -1.12
N LYS E 60 -20.92 -2.69 -0.90
CA LYS E 60 -19.47 -2.68 -0.98
C LYS E 60 -18.97 -2.18 -2.35
N THR E 61 -19.48 -2.74 -3.45
CA THR E 61 -19.07 -2.30 -4.80
C THR E 61 -19.26 -0.78 -5.05
N SER E 62 -20.41 -0.26 -4.63
CA SER E 62 -20.65 1.17 -4.60
C SER E 62 -19.52 1.99 -4.02
N LEU E 63 -19.01 1.56 -2.86
CA LEU E 63 -17.94 2.27 -2.16
C LEU E 63 -16.61 2.12 -2.90
N THR E 64 -16.43 0.96 -3.54
CA THR E 64 -15.30 0.69 -4.39
C THR E 64 -15.27 1.62 -5.59
N VAL E 65 -16.41 1.74 -6.27
CA VAL E 65 -16.52 2.68 -7.42
C VAL E 65 -16.22 4.12 -6.98
N SER E 66 -16.84 4.53 -5.86
CA SER E 66 -16.58 5.85 -5.24
C SER E 66 -15.09 6.14 -4.98
N GLY E 67 -14.38 5.17 -4.41
CA GLY E 67 -12.95 5.26 -4.16
C GLY E 67 -12.22 5.32 -5.48
N LEU E 68 -12.67 4.52 -6.45
CA LEU E 68 -12.04 4.54 -7.77
C LEU E 68 -12.15 5.94 -8.41
N ILE E 69 -13.35 6.53 -8.37
CA ILE E 69 -13.52 7.92 -8.83
C ILE E 69 -12.55 8.91 -8.15
N THR E 70 -12.55 8.92 -6.81
CA THR E 70 -11.69 9.86 -6.09
C THR E 70 -10.19 9.59 -6.28
N GLY E 71 -9.82 8.29 -6.41
CA GLY E 71 -8.47 7.80 -6.69
C GLY E 71 -7.95 8.27 -8.04
N ILE E 72 -8.74 8.05 -9.10
CA ILE E 72 -8.36 8.62 -10.38
C ILE E 72 -8.25 10.16 -10.32
N ALA E 73 -9.28 10.80 -9.77
CA ALA E 73 -9.23 12.26 -9.61
C ALA E 73 -7.94 12.79 -8.96
N PHE E 74 -7.52 12.16 -7.84
CA PHE E 74 -6.28 12.50 -7.13
C PHE E 74 -5.03 12.56 -8.03
N TRP E 75 -4.74 11.44 -8.70
CA TRP E 75 -3.64 11.35 -9.62
C TRP E 75 -3.73 12.44 -10.67
N HIS E 76 -4.95 12.63 -11.21
CA HIS E 76 -5.14 13.74 -12.15
C HIS E 76 -4.96 15.15 -11.58
N TYR E 77 -5.45 15.35 -10.35
CA TYR E 77 -5.25 16.63 -9.67
C TYR E 77 -3.77 16.98 -9.39
N LEU E 78 -2.95 15.95 -9.28
CA LEU E 78 -1.56 16.13 -9.03
C LEU E 78 -0.93 16.68 -10.33
N TYR E 79 -1.24 16.06 -11.47
CA TYR E 79 -0.80 16.58 -12.76
C TYR E 79 -1.40 17.95 -13.07
N MET E 80 -2.66 18.15 -12.69
CA MET E 80 -3.29 19.45 -12.99
C MET E 80 -2.62 20.60 -12.26
N ARG E 81 -2.14 20.37 -11.03
CA ARG E 81 -1.54 21.42 -10.26
C ARG E 81 -0.12 21.73 -10.78
N GLY E 82 0.58 20.67 -11.17
CA GLY E 82 1.89 20.77 -11.78
C GLY E 82 1.80 21.71 -12.96
N VAL E 83 0.81 21.46 -13.82
CA VAL E 83 0.58 22.31 -15.01
C VAL E 83 0.24 23.76 -14.65
N TRP E 84 -0.49 23.98 -13.57
CA TRP E 84 -0.85 25.36 -13.17
C TRP E 84 0.32 26.19 -12.62
N ILE E 85 1.30 25.53 -12.01
CA ILE E 85 2.46 26.20 -11.45
C ILE E 85 3.50 26.47 -12.55
N ASP E 86 3.90 25.42 -13.25
CA ASP E 86 4.94 25.49 -14.28
C ASP E 86 4.60 26.42 -15.43
N THR E 87 3.33 26.51 -15.80
CA THR E 87 2.94 27.29 -16.96
C THR E 87 1.93 28.39 -16.63
N GLY E 88 1.15 28.20 -15.58
CA GLY E 88 0.06 29.11 -15.27
C GLY E 88 -1.13 28.96 -16.20
N ASP E 89 -1.01 28.05 -17.17
CA ASP E 89 -2.12 27.72 -18.09
C ASP E 89 -3.14 26.75 -17.48
N THR E 90 -4.33 26.73 -18.07
CA THR E 90 -5.38 25.79 -17.70
C THR E 90 -5.08 24.40 -18.23
N PRO E 91 -5.05 23.41 -17.33
CA PRO E 91 -4.77 22.04 -17.76
C PRO E 91 -6.04 21.35 -18.28
N THR E 92 -6.50 21.84 -19.43
CA THR E 92 -7.74 21.40 -20.08
C THR E 92 -7.74 19.92 -20.43
N VAL E 93 -6.64 19.45 -20.97
CA VAL E 93 -6.60 18.04 -21.34
C VAL E 93 -6.50 17.10 -20.12
N PHE E 94 -5.65 17.41 -19.15
CA PHE E 94 -5.69 16.61 -17.92
C PHE E 94 -7.10 16.58 -17.27
N ARG E 95 -7.78 17.72 -17.27
CA ARG E 95 -9.09 17.86 -16.66
C ARG E 95 -10.14 16.98 -17.36
N TYR E 96 -10.18 17.04 -18.70
CA TYR E 96 -11.13 16.27 -19.51
C TYR E 96 -10.78 14.78 -19.53
N ILE E 97 -9.51 14.47 -19.65
CA ILE E 97 -9.06 13.08 -19.45
C ILE E 97 -9.50 12.51 -18.08
N ASN E 98 -9.38 13.33 -17.02
CA ASN E 98 -9.89 12.93 -15.73
C ASN E 98 -11.40 12.64 -15.76
N TRP E 99 -12.16 13.57 -16.35
CA TRP E 99 -13.60 13.42 -16.57
C TRP E 99 -14.02 12.24 -17.46
N LEU E 100 -13.27 12.03 -18.53
CA LEU E 100 -13.48 10.85 -19.39
C LEU E 100 -13.37 9.54 -18.62
N LEU E 101 -12.43 9.46 -17.66
CA LEU E 101 -12.33 8.25 -16.82
C LEU E 101 -13.40 8.15 -15.69
N THR E 102 -13.82 9.30 -15.16
CA THR E 102 -14.59 9.29 -13.94
C THR E 102 -16.10 9.30 -14.17
N VAL E 103 -16.54 10.02 -15.21
CA VAL E 103 -17.97 10.17 -15.49
C VAL E 103 -18.62 8.81 -15.79
N PRO E 104 -17.98 8.02 -16.71
CA PRO E 104 -18.43 6.67 -17.01
C PRO E 104 -18.62 5.84 -15.73
N LEU E 105 -17.71 6.03 -14.77
CA LEU E 105 -17.80 5.40 -13.43
C LEU E 105 -18.99 5.90 -12.59
N LEU E 106 -19.20 7.22 -12.53
CA LEU E 106 -20.41 7.72 -11.87
C LEU E 106 -21.68 7.16 -12.56
N VAL E 107 -21.65 7.02 -13.89
CA VAL E 107 -22.76 6.45 -14.61
C VAL E 107 -22.95 4.98 -14.23
N VAL E 108 -21.86 4.21 -14.20
CA VAL E 108 -21.91 2.84 -13.65
C VAL E 108 -22.57 2.81 -12.25
N GLU E 109 -22.13 3.69 -11.36
CA GLU E 109 -22.78 3.87 -10.06
C GLU E 109 -24.30 4.09 -10.20
N PHE E 110 -24.69 5.05 -11.05
CA PHE E 110 -26.12 5.33 -11.33
C PHE E 110 -26.90 4.08 -11.75
N TYR E 111 -26.32 3.28 -12.66
CA TYR E 111 -26.86 2.00 -13.08
C TYR E 111 -27.08 1.01 -11.91
N LEU E 112 -26.13 0.94 -10.99
CA LEU E 112 -26.28 0.13 -9.78
C LEU E 112 -27.48 0.61 -8.92
N ILE E 113 -27.57 1.93 -8.69
CA ILE E 113 -28.76 2.49 -8.05
C ILE E 113 -30.02 2.14 -8.87
N LEU E 114 -29.97 2.41 -10.17
CA LEU E 114 -31.11 2.18 -11.07
C LEU E 114 -31.64 0.73 -11.13
N ALA E 115 -30.73 -0.24 -11.04
CA ALA E 115 -31.08 -1.67 -11.11
C ALA E 115 -32.02 -2.17 -9.98
N ALA E 116 -31.98 -1.51 -8.82
CA ALA E 116 -32.91 -1.80 -7.72
C ALA E 116 -34.27 -1.06 -7.83
N CYS E 117 -34.43 -0.24 -8.87
CA CYS E 117 -35.59 0.64 -9.01
C CYS E 117 -36.45 0.39 -10.25
N THR E 118 -35.86 -0.22 -11.27
CA THR E 118 -36.49 -0.43 -12.57
C THR E 118 -35.96 -1.69 -13.21
N SER E 119 -36.59 -2.12 -14.30
CA SER E 119 -36.07 -3.23 -15.08
C SER E 119 -35.52 -2.73 -16.42
N VAL E 120 -35.50 -1.40 -16.58
CA VAL E 120 -34.96 -0.76 -17.79
C VAL E 120 -33.55 -0.18 -17.58
N ALA E 121 -32.85 -0.67 -16.55
CA ALA E 121 -31.59 -0.08 -16.08
C ALA E 121 -30.47 -0.13 -17.11
N ALA E 122 -30.32 -1.27 -17.78
CA ALA E 122 -29.27 -1.45 -18.80
C ALA E 122 -29.46 -0.49 -19.98
N SER E 123 -30.70 -0.33 -20.43
CA SER E 123 -31.02 0.64 -21.47
C SER E 123 -30.66 2.06 -21.01
N LEU E 124 -31.05 2.40 -19.78
CA LEU E 124 -30.67 3.70 -19.18
C LEU E 124 -29.17 3.93 -19.12
N PHE E 125 -28.40 2.90 -18.77
CA PHE E 125 -26.96 3.04 -18.66
C PHE E 125 -26.33 3.49 -19.98
N LYS E 126 -26.68 2.80 -21.07
CA LYS E 126 -26.17 3.11 -22.43
C LYS E 126 -26.64 4.48 -22.90
N LYS E 127 -27.89 4.82 -22.59
CA LYS E 127 -28.40 6.14 -22.91
C LYS E 127 -27.59 7.22 -22.20
N LEU E 128 -27.51 7.12 -20.87
CA LEU E 128 -26.78 8.08 -20.02
C LEU E 128 -25.28 8.23 -20.36
N LEU E 129 -24.66 7.13 -20.75
CA LEU E 129 -23.27 7.14 -21.10
C LEU E 129 -23.09 7.91 -22.38
N ALA E 130 -23.99 7.65 -23.33
CA ALA E 130 -23.94 8.33 -24.64
C ALA E 130 -24.14 9.81 -24.41
N GLY E 131 -25.18 10.14 -23.64
CA GLY E 131 -25.38 11.50 -23.19
C GLY E 131 -24.06 12.13 -22.73
N SER E 132 -23.37 11.44 -21.81
CA SER E 132 -22.27 12.03 -21.08
C SER E 132 -21.00 12.23 -21.92
N LEU E 133 -20.85 11.41 -22.97
CA LEU E 133 -19.70 11.52 -23.86
C LEU E 133 -19.87 12.68 -24.84
N VAL E 134 -21.10 12.87 -25.32
CA VAL E 134 -21.41 14.06 -26.13
C VAL E 134 -21.17 15.30 -25.27
N MET E 135 -21.74 15.27 -24.07
CA MET E 135 -21.45 16.30 -23.07
C MET E 135 -19.95 16.68 -22.98
N LEU E 136 -19.07 15.68 -22.82
CA LEU E 136 -17.67 15.92 -22.57
C LEU E 136 -16.89 16.31 -23.83
N GLY E 137 -17.13 15.58 -24.93
CA GLY E 137 -16.55 15.89 -26.23
C GLY E 137 -16.83 17.32 -26.66
N ALA E 138 -18.05 17.80 -26.40
CA ALA E 138 -18.43 19.16 -26.75
C ALA E 138 -17.66 20.16 -25.93
N GLY E 139 -17.74 20.02 -24.60
CA GLY E 139 -17.08 20.95 -23.68
C GLY E 139 -15.61 21.09 -24.04
N PHE E 140 -14.98 19.94 -24.29
CA PHE E 140 -13.59 19.86 -24.64
C PHE E 140 -13.29 20.65 -25.91
N ALA E 141 -14.01 20.35 -26.99
CA ALA E 141 -13.87 21.03 -28.29
C ALA E 141 -13.85 22.54 -28.16
N GLY E 142 -14.79 23.06 -27.36
CA GLY E 142 -14.78 24.45 -26.95
C GLY E 142 -13.45 24.81 -26.30
N GLU E 143 -13.11 24.13 -25.20
CA GLU E 143 -11.98 24.56 -24.39
C GLU E 143 -10.65 24.41 -25.13
N ALA E 144 -10.55 23.38 -25.95
CA ALA E 144 -9.35 23.08 -26.72
C ALA E 144 -9.12 24.02 -27.90
N GLY E 145 -10.13 24.83 -28.26
CA GLY E 145 -10.08 25.69 -29.45
C GLY E 145 -10.46 24.98 -30.74
N LEU E 146 -11.07 23.80 -30.64
CA LEU E 146 -11.43 23.02 -31.82
C LEU E 146 -12.76 23.43 -32.41
N ALA E 147 -13.53 24.21 -31.66
CA ALA E 147 -14.85 24.60 -32.10
C ALA E 147 -15.24 25.86 -31.35
N PRO E 148 -15.98 26.76 -32.01
CA PRO E 148 -16.34 28.01 -31.35
C PRO E 148 -16.97 27.76 -29.99
N VAL E 149 -16.64 28.63 -29.05
CA VAL E 149 -17.01 28.43 -27.68
C VAL E 149 -18.52 28.31 -27.32
N LEU E 150 -19.38 28.91 -28.13
CA LEU E 150 -20.78 28.96 -27.77
C LEU E 150 -21.59 27.76 -28.31
N PRO E 151 -21.49 27.46 -29.63
CA PRO E 151 -22.11 26.22 -30.13
C PRO E 151 -21.62 24.97 -29.38
N ALA E 152 -20.32 24.90 -29.12
CA ALA E 152 -19.75 23.84 -28.27
C ALA E 152 -20.51 23.74 -26.93
N PHE E 153 -20.75 24.89 -26.28
CA PHE E 153 -21.47 24.92 -25.01
C PHE E 153 -22.90 24.36 -25.12
N ILE E 154 -23.61 24.75 -26.17
CA ILE E 154 -24.99 24.35 -26.39
C ILE E 154 -25.10 22.85 -26.60
N ILE E 155 -24.18 22.31 -27.39
CA ILE E 155 -24.13 20.87 -27.66
C ILE E 155 -23.83 20.09 -26.37
N GLY E 156 -22.79 20.51 -25.66
CA GLY E 156 -22.38 19.81 -24.45
C GLY E 156 -23.50 19.84 -23.46
N MET E 157 -24.23 20.94 -23.49
CA MET E 157 -25.32 21.18 -22.58
C MET E 157 -26.49 20.25 -22.97
N ALA E 158 -26.56 19.88 -24.25
CA ALA E 158 -27.64 19.05 -24.75
C ALA E 158 -27.47 17.63 -24.23
N GLY E 159 -26.24 17.12 -24.34
CA GLY E 159 -25.85 15.84 -23.71
C GLY E 159 -26.25 15.75 -22.24
N TRP E 160 -25.94 16.78 -21.47
CA TRP E 160 -26.35 16.81 -20.09
C TRP E 160 -27.87 16.65 -20.00
N LEU E 161 -28.58 17.59 -20.64
CA LEU E 161 -30.02 17.69 -20.55
C LEU E 161 -30.74 16.42 -21.03
N TYR E 162 -30.19 15.79 -22.07
CA TYR E 162 -30.66 14.49 -22.49
C TYR E 162 -30.55 13.42 -21.39
N MET E 163 -29.45 13.45 -20.63
CA MET E 163 -29.32 12.57 -19.46
C MET E 163 -30.40 12.87 -18.44
N ILE E 164 -30.60 14.17 -18.16
CA ILE E 164 -31.68 14.56 -17.25
C ILE E 164 -33.07 14.23 -17.84
N TYR E 165 -33.24 14.39 -19.16
CA TYR E 165 -34.49 13.99 -19.81
C TYR E 165 -34.82 12.52 -19.53
N GLU E 166 -33.90 11.61 -19.89
CA GLU E 166 -34.05 10.16 -19.71
C GLU E 166 -34.32 9.67 -18.29
N LEU E 167 -33.78 10.36 -17.29
CA LEU E 167 -34.00 9.98 -15.91
C LEU E 167 -35.35 10.43 -15.37
N TYR E 168 -35.76 11.65 -15.71
CA TYR E 168 -37.02 12.18 -15.21
C TYR E 168 -38.25 11.82 -16.03
N MET E 169 -38.15 11.98 -17.35
CA MET E 169 -39.34 11.94 -18.21
C MET E 169 -39.29 10.86 -19.29
N GLY E 170 -38.11 10.30 -19.53
CA GLY E 170 -37.94 9.27 -20.56
C GLY E 170 -38.15 7.88 -19.98
N GLU E 171 -37.23 6.97 -20.29
CA GLU E 171 -37.24 5.61 -19.71
C GLU E 171 -37.26 5.59 -18.18
N GLY E 172 -36.80 6.68 -17.56
CA GLY E 172 -36.75 6.81 -16.10
C GLY E 172 -38.11 6.88 -15.45
N LYS E 173 -39.13 7.25 -16.23
CA LYS E 173 -40.49 7.32 -15.73
C LYS E 173 -41.06 5.93 -15.44
N ALA E 174 -40.32 4.88 -15.86
CA ALA E 174 -40.76 3.49 -15.75
C ALA E 174 -41.07 3.00 -14.34
N ALA E 175 -40.25 3.42 -13.36
CA ALA E 175 -40.44 2.99 -11.97
C ALA E 175 -39.60 3.73 -10.92
N VAL E 176 -40.20 3.94 -9.75
CA VAL E 176 -39.47 4.35 -8.54
C VAL E 176 -39.35 3.07 -7.71
N SER E 177 -38.94 3.17 -6.44
CA SER E 177 -38.85 1.99 -5.56
C SER E 177 -39.07 2.28 -4.08
N THR E 178 -40.10 1.64 -3.52
CA THR E 178 -40.33 1.59 -2.09
C THR E 178 -39.71 0.30 -1.52
N ALA E 179 -39.28 -0.59 -2.42
CA ALA E 179 -38.72 -1.90 -2.04
C ALA E 179 -37.73 -1.79 -0.88
N SER E 180 -37.02 -0.66 -0.84
CA SER E 180 -36.20 -0.31 0.31
C SER E 180 -36.20 1.21 0.47
N PRO E 181 -36.18 1.71 1.73
CA PRO E 181 -36.08 3.16 1.93
C PRO E 181 -34.66 3.66 1.64
N ALA E 182 -33.68 2.77 1.79
CA ALA E 182 -32.29 3.04 1.45
C ALA E 182 -32.07 3.13 -0.05
N VAL E 183 -32.59 2.15 -0.81
CA VAL E 183 -32.51 2.25 -2.29
C VAL E 183 -33.25 3.49 -2.77
N ASN E 184 -34.29 3.85 -2.02
CA ASN E 184 -35.05 5.04 -2.32
C ASN E 184 -34.23 6.32 -2.07
N SER E 185 -33.39 6.30 -1.03
CA SER E 185 -32.53 7.45 -0.71
C SER E 185 -31.44 7.64 -1.76
N ALA E 186 -30.71 6.56 -2.05
CA ALA E 186 -29.70 6.52 -3.11
C ALA E 186 -30.25 6.99 -4.47
N TYR E 187 -31.46 6.56 -4.79
CA TYR E 187 -32.18 7.05 -5.96
C TYR E 187 -32.32 8.57 -5.90
N ASN E 188 -32.83 9.07 -4.78
CA ASN E 188 -33.10 10.50 -4.60
C ASN E 188 -31.84 11.35 -4.70
N ALA E 189 -30.75 10.82 -4.14
CA ALA E 189 -29.48 11.48 -4.19
C ALA E 189 -28.99 11.54 -5.65
N MET E 190 -29.14 10.44 -6.38
CA MET E 190 -28.75 10.40 -7.79
C MET E 190 -29.53 11.42 -8.62
N MET E 191 -30.84 11.50 -8.41
CA MET E 191 -31.70 12.45 -9.12
C MET E 191 -31.34 13.90 -8.78
N MET E 192 -31.03 14.15 -7.52
CA MET E 192 -30.61 15.48 -7.06
C MET E 192 -29.25 15.86 -7.64
N ILE E 193 -28.33 14.91 -7.67
CA ILE E 193 -26.95 15.24 -7.96
C ILE E 193 -26.76 15.64 -9.42
N ILE E 194 -27.31 14.83 -10.32
CA ILE E 194 -27.21 15.09 -11.75
C ILE E 194 -27.89 16.40 -12.16
N VAL E 195 -28.72 16.95 -11.27
CA VAL E 195 -29.39 18.23 -11.52
C VAL E 195 -28.64 19.37 -10.82
N VAL E 196 -28.69 19.40 -9.49
CA VAL E 196 -28.04 20.51 -8.79
C VAL E 196 -26.52 20.35 -8.70
N GLY E 197 -26.05 19.13 -8.47
CA GLY E 197 -24.62 18.88 -8.34
C GLY E 197 -23.85 19.19 -9.61
N TRP E 198 -24.19 18.48 -10.68
CA TRP E 198 -23.56 18.67 -11.98
C TRP E 198 -23.63 20.11 -12.55
N ALA E 199 -24.72 20.83 -12.25
CA ALA E 199 -24.94 22.19 -12.76
C ALA E 199 -23.75 23.12 -12.52
N ILE E 200 -22.90 22.75 -11.57
CA ILE E 200 -21.74 23.56 -11.21
C ILE E 200 -20.72 23.59 -12.32
N TYR E 201 -20.63 22.49 -13.07
CA TYR E 201 -19.70 22.39 -14.19
C TYR E 201 -20.00 23.38 -15.36
N PRO E 202 -21.21 23.31 -15.96
CA PRO E 202 -21.49 24.31 -17.00
C PRO E 202 -21.38 25.75 -16.49
N ALA E 203 -21.69 25.98 -15.20
CA ALA E 203 -21.59 27.32 -14.63
C ALA E 203 -20.16 27.84 -14.75
N GLY E 204 -19.21 26.92 -14.64
CA GLY E 204 -17.79 27.25 -14.63
C GLY E 204 -17.31 27.63 -16.00
N TYR E 205 -17.62 26.78 -16.98
CA TYR E 205 -17.41 27.07 -18.41
C TYR E 205 -17.99 28.44 -18.79
N ALA E 206 -19.27 28.64 -18.50
CA ALA E 206 -19.93 29.92 -18.76
C ALA E 206 -19.07 31.06 -18.21
N ALA E 207 -18.65 30.90 -16.96
CA ALA E 207 -17.84 31.89 -16.30
C ALA E 207 -16.53 32.13 -17.06
N GLY E 208 -15.95 31.07 -17.62
CA GLY E 208 -14.63 31.14 -18.19
C GLY E 208 -14.60 31.66 -19.61
N TYR E 209 -15.57 31.23 -20.41
CA TYR E 209 -15.57 31.49 -21.85
C TYR E 209 -16.75 32.33 -22.41
N LEU E 210 -17.68 32.72 -21.56
CA LEU E 210 -18.93 33.29 -22.04
C LEU E 210 -19.23 34.65 -21.37
N MET E 211 -18.22 35.52 -21.33
CA MET E 211 -18.33 36.86 -20.73
C MET E 211 -17.77 37.96 -21.64
N GLY E 212 -16.44 38.09 -21.68
CA GLY E 212 -15.75 39.10 -22.49
C GLY E 212 -14.66 38.52 -23.38
N GLY E 213 -13.99 39.39 -24.12
CA GLY E 213 -12.93 38.98 -25.05
C GLY E 213 -11.61 38.70 -24.34
N VAL E 216 -10.54 34.38 -21.90
CA VAL E 216 -10.71 33.28 -20.95
C VAL E 216 -10.46 33.74 -19.50
N TYR E 217 -11.49 33.69 -18.66
CA TYR E 217 -11.37 33.99 -17.22
C TYR E 217 -10.90 32.73 -16.47
N ALA E 218 -9.61 32.45 -16.61
CA ALA E 218 -9.01 31.18 -16.23
C ALA E 218 -9.10 30.83 -14.73
N SER E 219 -9.02 31.84 -13.85
CA SER E 219 -9.16 31.58 -12.44
C SER E 219 -10.55 31.08 -12.05
N ASN E 220 -11.58 31.86 -12.35
CA ASN E 220 -12.94 31.48 -11.98
C ASN E 220 -13.30 30.09 -12.45
N LEU E 221 -12.84 29.77 -13.67
CA LEU E 221 -13.10 28.50 -14.32
C LEU E 221 -12.57 27.39 -13.43
N ASN E 222 -11.28 27.48 -13.13
CA ASN E 222 -10.63 26.45 -12.34
C ASN E 222 -11.12 26.31 -10.89
N LEU E 223 -11.41 27.44 -10.24
CA LEU E 223 -12.01 27.44 -8.90
C LEU E 223 -13.37 26.75 -8.94
N ILE E 224 -14.15 27.00 -9.99
CA ILE E 224 -15.50 26.47 -10.07
C ILE E 224 -15.46 24.97 -10.32
N TYR E 225 -14.56 24.56 -11.21
CA TYR E 225 -14.38 23.14 -11.54
C TYR E 225 -13.84 22.33 -10.35
N ASN E 226 -12.91 22.90 -9.57
CA ASN E 226 -12.39 22.22 -8.36
C ASN E 226 -13.50 22.06 -7.34
N LEU E 227 -14.39 23.05 -7.29
CA LEU E 227 -15.49 23.04 -6.37
C LEU E 227 -16.47 21.97 -6.83
N ALA E 228 -16.61 21.88 -8.15
CA ALA E 228 -17.53 20.95 -8.78
C ALA E 228 -17.07 19.51 -8.55
N ASP E 229 -15.78 19.25 -8.72
CA ASP E 229 -15.21 17.91 -8.45
C ASP E 229 -15.33 17.47 -7.01
N PHE E 230 -15.19 18.43 -6.10
CA PHE E 230 -15.29 18.19 -4.67
C PHE E 230 -16.73 17.80 -4.28
N VAL E 231 -17.69 18.60 -4.74
CA VAL E 231 -19.10 18.39 -4.45
C VAL E 231 -19.57 17.08 -5.10
N ASN E 232 -19.13 16.85 -6.33
CA ASN E 232 -19.69 15.75 -7.09
C ASN E 232 -19.02 14.40 -6.95
N LYS E 233 -17.75 14.41 -6.55
CA LYS E 233 -17.01 13.17 -6.33
C LYS E 233 -16.93 12.85 -4.84
N ILE E 234 -16.45 13.80 -4.04
CA ILE E 234 -16.23 13.56 -2.61
C ILE E 234 -17.53 13.58 -1.81
N LEU E 235 -18.37 14.60 -2.08
CA LEU E 235 -19.57 14.83 -1.30
C LEU E 235 -20.67 13.83 -1.67
N PHE E 236 -20.91 13.66 -2.98
CA PHE E 236 -21.85 12.64 -3.45
C PHE E 236 -21.47 11.27 -2.91
N GLY E 237 -20.17 10.96 -2.98
CA GLY E 237 -19.61 9.74 -2.41
C GLY E 237 -20.01 9.60 -0.94
N LEU E 238 -19.79 10.66 -0.16
CA LEU E 238 -20.20 10.66 1.23
C LEU E 238 -21.70 10.36 1.47
N ILE E 239 -22.55 10.84 0.59
CA ILE E 239 -23.99 10.64 0.73
C ILE E 239 -24.33 9.15 0.61
N ILE E 240 -23.81 8.52 -0.43
CA ILE E 240 -23.97 7.08 -0.64
C ILE E 240 -23.40 6.32 0.55
N TRP E 241 -22.18 6.64 0.93
CA TRP E 241 -21.59 5.99 2.09
C TRP E 241 -22.54 6.04 3.31
N ASN E 242 -23.17 7.20 3.52
CA ASN E 242 -24.08 7.42 4.65
C ASN E 242 -25.36 6.55 4.56
N VAL E 243 -26.01 6.57 3.40
CA VAL E 243 -27.12 5.69 3.15
C VAL E 243 -26.75 4.25 3.46
N ALA E 244 -25.54 3.84 3.05
CA ALA E 244 -25.11 2.48 3.20
C ALA E 244 -24.81 2.07 4.64
N VAL E 245 -24.23 2.96 5.44
CA VAL E 245 -23.92 2.59 6.83
C VAL E 245 -25.20 2.54 7.71
N LYS E 246 -26.14 3.44 7.46
CA LYS E 246 -27.44 3.42 8.13
C LYS E 246 -28.16 2.11 7.83
N GLU E 247 -28.22 1.79 6.54
CA GLU E 247 -28.97 0.62 6.07
C GLU E 247 -28.33 -0.68 6.53
N SER E 248 -27.00 -0.75 6.49
CA SER E 248 -26.28 -1.94 6.93
C SER E 248 -26.39 -2.12 8.44
N SER E 249 -26.54 -1.02 9.16
CA SER E 249 -26.54 -1.04 10.62
C SER E 249 -27.92 -1.40 11.13
N ASN E 250 -28.94 -1.04 10.35
CA ASN E 250 -30.30 -1.40 10.66
C ASN E 250 -30.52 -2.86 10.30
N ALA E 251 -29.96 -3.28 9.18
CA ALA E 251 -30.08 -4.65 8.69
C ALA E 251 -29.62 -5.68 9.74
N LYS E 252 -28.53 -5.36 10.44
CA LYS E 252 -28.00 -6.25 11.48
C LYS E 252 -28.91 -6.28 12.71
N LEU E 253 -29.59 -5.17 12.98
CA LEU E 253 -30.61 -5.09 14.05
C LEU E 253 -31.95 -5.69 13.61
C1 RET F . -4.33 30.49 16.49
C2 RET F . -4.22 31.96 16.09
C3 RET F . -5.33 32.83 16.70
C4 RET F . -5.79 32.34 18.06
C5 RET F . -6.26 30.90 17.98
C6 RET F . -5.59 29.99 17.22
C7 RET F . -6.07 28.57 17.18
C8 RET F . -5.55 27.54 16.51
C9 RET F . -6.16 26.17 16.58
C10 RET F . -5.61 25.17 15.88
C11 RET F . -6.15 23.81 15.88
C12 RET F . -5.49 22.90 15.15
C13 RET F . -5.86 21.48 15.01
C14 RET F . -5.03 20.79 14.22
C15 RET F . -5.05 19.39 13.84
C16 RET F . -3.20 29.53 16.15
C17 RET F . -4.96 30.23 15.12
C18 RET F . -7.49 30.59 18.80
C19 RET F . -7.39 25.86 17.40
C20 RET F . -7.05 20.85 15.72
C1 RET G . 24.06 3.32 25.03
C2 RET G . 24.94 4.50 25.37
C3 RET G . 25.89 4.06 26.49
C4 RET G . 25.22 3.39 27.69
C5 RET G . 24.03 2.51 27.37
C6 RET G . 23.40 2.53 26.18
C7 RET G . 22.10 1.78 26.02
C8 RET G . 21.42 1.77 24.89
C9 RET G . 20.15 1.06 24.65
C10 RET G . 19.62 1.18 23.41
C11 RET G . 18.36 0.54 23.02
C12 RET G . 17.90 0.71 21.79
C13 RET G . 16.65 0.11 21.28
C14 RET G . 16.35 0.39 19.99
C15 RET G . 15.14 -0.12 19.34
C16 RET G . 23.76 3.06 23.57
C17 RET G . 22.86 4.27 25.06
C18 RET G . 23.50 1.71 28.52
C19 RET G . 19.49 0.24 25.73
C20 RET G . 15.75 -0.77 22.13
C1 RET H . 26.83 -21.74 -5.42
C2 RET H . 28.25 -21.54 -4.94
C3 RET H . 28.97 -22.89 -4.79
C4 RET H . 28.14 -24.13 -5.11
C5 RET H . 26.69 -24.04 -4.69
C6 RET H . 26.03 -22.86 -4.78
C7 RET H . 24.62 -22.85 -4.32
C8 RET H . 23.79 -21.81 -4.31
C9 RET H . 22.40 -21.98 -3.79
C10 RET H . 21.58 -20.92 -3.80
C11 RET H . 20.21 -20.99 -3.31
C12 RET H . 19.53 -19.86 -3.38
C13 RET H . 18.13 -19.61 -2.97
C14 RET H . 17.73 -18.34 -3.19
C15 RET H . 16.42 -17.78 -2.90
C16 RET H . 26.20 -20.88 -6.52
C17 RET H . 26.44 -20.66 -4.41
C18 RET H . 26.04 -25.27 -4.15
C19 RET H . 21.91 -23.30 -3.27
C20 RET H . 17.25 -20.68 -2.38
C1 RET I . -0.61 -11.31 -32.92
C2 RET I . 0.56 -11.86 -33.74
C3 RET I . 0.08 -12.75 -34.88
C4 RET I . -1.42 -13.07 -34.91
C5 RET I . -2.10 -13.14 -33.55
C6 RET I . -1.71 -12.33 -32.55
C7 RET I . -2.43 -12.49 -31.24
C8 RET I . -2.23 -11.82 -30.12
C9 RET I . -3.02 -12.12 -28.91
C10 RET I . -2.77 -11.40 -27.81
C11 RET I . -3.47 -11.58 -26.54
C12 RET I . -3.06 -10.76 -25.58
C13 RET I . -3.58 -10.70 -24.22
C14 RET I . -2.98 -9.78 -23.44
C15 RET I . -3.28 -9.48 -22.03
C16 RET I . -0.66 -9.86 -32.48
C17 RET I . 0.27 -11.58 -31.70
C18 RET I . -3.19 -14.15 -33.38
C19 RET I . -4.08 -13.18 -28.90
C20 RET I . -4.67 -11.61 -23.75
C1 RET J . -19.34 21.26 -19.45
C2 RET J . -19.32 21.82 -20.88
C3 RET J . -20.66 21.61 -21.62
C4 RET J . -21.86 21.83 -20.69
C5 RET J . -21.80 20.87 -19.52
C6 RET J . -20.62 20.49 -18.99
C7 RET J . -20.71 19.41 -17.98
C8 RET J . -19.72 18.82 -17.30
C9 RET J . -20.04 17.74 -16.34
C10 RET J . -19.03 17.17 -15.67
C11 RET J . -19.16 16.08 -14.70
C12 RET J . -18.01 15.70 -14.16
C13 RET J . -17.85 14.64 -13.16
C14 RET J . -16.58 14.40 -12.75
C15 RET J . -16.22 13.38 -11.76
C16 RET J . -18.14 21.35 -18.50
C17 RET J . -18.56 20.04 -20.01
C18 RET J . -23.11 20.26 -19.10
C19 RET J . -21.46 17.28 -16.12
C20 RET J . -19.04 13.88 -12.62
#